data_3L84
#
_entry.id   3L84
#
_cell.length_a   129.493
_cell.length_b   71.181
_cell.length_c   69.416
_cell.angle_alpha   90.00
_cell.angle_beta   109.77
_cell.angle_gamma   90.00
#
_symmetry.space_group_name_H-M   'C 1 2 1'
#
loop_
_entity.id
_entity.type
_entity.pdbx_description
1 polymer Transketolase
2 non-polymer GLYCEROL
3 non-polymer 'ACETATE ION'
4 water water
#
_entity_poly.entity_id   1
_entity_poly.type   'polypeptide(L)'
_entity_poly.pdbx_seq_one_letter_code
;(MSE)NIQILQEQANTLRFLSAD(MSE)VQKANSGHPGAPLGLADILSVLSYHLKHNPKNPTWLNRDRLVFSGGHASALL
YSFLHLSGYDLSLEDLKNFRQLHSKTPGHPEISTLGVEIATGPLGQGVANAVGFA(MSE)AAKKAQNLLGSDLIDHKIYC
LCGDGDLQEGISYEACSLAGLHKLDNFILIYDSNNISIEGDVGLAFNENVK(MSE)RFEAQGFEVLSINGHDYEEINKAL
EQAKKSTKPCLIIAKTTIAKGAGELEGSHKSHGAPLGEEVIKKAKEQAGFDPNISFHIPQASKIRFESAVELGDLEEAKW
KDKLEKSAKKELLERLLNPDFNKIAYPDFKGKDLATRDSNGEILNVLAKNLEGFLGGSADLGPSNKTELHS(MSE)GDFV
EGKNIHFGIREHA(MSE)AAINNAFARYGIFLPFSATFFIFSEYLKPAARIAAL(MSE)KIKHFFIFTHDSIGVGEDGPT
HQPIEQLSTFRA(MSE)PNFLTFRPADGVENVKAWQIALNADIPSAFVLSRQKLKALNEPVFGDVKNGAYLLKESKEAKF
TLLASGSEVWLCLESANELEKQGFACNVVS(MSE)PCFELFEKQDKAYQERLLKGEVIGVEAAHSNELYKFCHKVYGIES
FGESGKDKDVFERFGFSVSKLVNFILSK
;
_entity_poly.pdbx_strand_id   A
#
loop_
_chem_comp.id
_chem_comp.type
_chem_comp.name
_chem_comp.formula
ACT non-polymer 'ACETATE ION' 'C2 H3 O2 -1'
GOL non-polymer GLYCEROL 'C3 H8 O3'
#
# COMPACT_ATOMS: atom_id res chain seq x y z
N MSE A 1 18.89 31.80 3.61
CA MSE A 1 19.34 30.86 2.51
C MSE A 1 20.34 31.58 1.59
O MSE A 1 20.02 32.62 1.04
CB MSE A 1 18.16 30.34 1.69
CG MSE A 1 18.53 29.05 0.94
SE MSE A 1 17.39 28.31 -0.50
CE MSE A 1 17.67 29.68 -1.85
N ASN A 2 21.54 31.00 1.45
CA ASN A 2 22.65 31.54 0.58
C ASN A 2 23.55 30.41 0.10
N ILE A 3 24.43 30.66 -0.88
CA ILE A 3 25.19 29.58 -1.54
C ILE A 3 26.17 28.86 -0.60
N GLN A 4 26.78 29.63 0.30
CA GLN A 4 27.76 29.10 1.21
C GLN A 4 27.12 28.11 2.19
N ILE A 5 26.02 28.52 2.81
CA ILE A 5 25.36 27.64 3.76
C ILE A 5 24.75 26.44 3.02
N LEU A 6 24.17 26.66 1.83
CA LEU A 6 23.55 25.55 1.10
CA LEU A 6 23.55 25.56 1.09
C LEU A 6 24.58 24.49 0.70
N GLN A 7 25.76 24.93 0.28
CA GLN A 7 26.80 24.00 -0.09
C GLN A 7 27.23 23.15 1.11
N GLU A 8 27.40 23.79 2.26
CA GLU A 8 27.77 23.06 3.46
C GLU A 8 26.67 22.08 3.85
N GLN A 9 25.40 22.52 3.79
CA GLN A 9 24.27 21.64 4.10
C GLN A 9 24.23 20.45 3.16
N ALA A 10 24.38 20.69 1.87
CA ALA A 10 24.32 19.60 0.87
C ALA A 10 25.45 18.63 1.09
N ASN A 11 26.66 19.14 1.34
CA ASN A 11 27.77 18.26 1.55
C ASN A 11 27.66 17.47 2.87
N THR A 12 27.04 18.07 3.88
CA THR A 12 26.75 17.35 5.13
C THR A 12 25.88 16.15 4.81
N LEU A 13 24.81 16.36 4.05
CA LEU A 13 23.96 15.25 3.63
C LEU A 13 24.73 14.22 2.81
N ARG A 14 25.58 14.66 1.87
CA ARG A 14 26.36 13.73 1.06
C ARG A 14 27.22 12.84 1.92
N PHE A 15 27.91 13.43 2.89
CA PHE A 15 28.91 12.62 3.63
C PHE A 15 28.30 11.78 4.74
N LEU A 16 27.18 12.21 5.32
CA LEU A 16 26.43 11.29 6.19
C LEU A 16 25.97 10.08 5.40
N SER A 17 25.45 10.30 4.22
CA SER A 17 24.94 9.21 3.38
C SER A 17 26.06 8.28 2.97
N ALA A 18 27.16 8.84 2.49
CA ALA A 18 28.29 8.03 2.07
C ALA A 18 28.90 7.24 3.21
N ASP A 19 29.06 7.89 4.35
CA ASP A 19 29.62 7.24 5.53
C ASP A 19 28.72 6.10 6.02
N MSE A 20 27.42 6.30 5.99
CA MSE A 20 26.46 5.25 6.37
CA MSE A 20 26.51 5.27 6.43
C MSE A 20 26.55 4.00 5.53
O MSE A 20 26.59 2.93 6.00
CB MSE A 20 25.01 5.76 6.29
CB MSE A 20 25.14 5.91 6.75
CG MSE A 20 24.69 6.75 7.30
CG MSE A 20 24.02 5.56 6.01
SE MSE A 20 23.04 7.75 6.92
SE MSE A 20 22.28 6.31 6.82
CE MSE A 20 22.14 6.22 6.85
CE MSE A 20 23.06 7.86 6.95
N VAL A 21 26.59 4.22 4.24
CA VAL A 21 26.72 3.13 3.30
C VAL A 21 28.07 2.43 3.46
N GLN A 22 29.14 3.19 3.67
CA GLN A 22 30.45 2.61 3.78
C GLN A 22 30.58 1.75 5.05
N LYS A 23 30.03 2.23 6.16
CA LYS A 23 30.08 1.48 7.41
C LYS A 23 29.29 0.19 7.29
N ALA A 24 28.13 0.24 6.62
CA ALA A 24 27.34 -0.97 6.39
C ALA A 24 27.99 -1.90 5.36
N ASN A 25 28.93 -1.38 4.56
CA ASN A 25 29.41 -2.10 3.38
C ASN A 25 28.26 -2.58 2.48
N SER A 26 27.23 -1.76 2.36
CA SER A 26 26.01 -2.13 1.66
C SER A 26 25.17 -0.89 1.46
N GLY A 27 24.54 -0.77 0.30
CA GLY A 27 23.60 0.29 0.06
C GLY A 27 23.93 1.12 -1.14
N HIS A 28 23.30 2.26 -1.22
CA HIS A 28 23.15 3.03 -2.46
C HIS A 28 23.55 4.46 -2.26
N PRO A 29 24.79 4.80 -2.57
CA PRO A 29 25.28 6.16 -2.27
C PRO A 29 25.15 7.16 -3.42
N GLY A 30 25.02 6.66 -4.66
CA GLY A 30 25.06 7.54 -5.82
C GLY A 30 23.92 8.52 -5.92
N ALA A 31 22.71 8.01 -5.76
CA ALA A 31 21.53 8.91 -5.75
C ALA A 31 21.51 9.91 -4.59
N PRO A 32 21.84 9.49 -3.36
CA PRO A 32 21.97 10.48 -2.29
C PRO A 32 22.86 11.65 -2.65
N LEU A 33 24.02 11.35 -3.25
CA LEU A 33 24.95 12.40 -3.66
C LEU A 33 24.38 13.25 -4.79
N GLY A 34 23.66 12.61 -5.71
CA GLY A 34 23.04 13.32 -6.83
C GLY A 34 21.89 14.22 -6.39
N LEU A 35 21.24 13.87 -5.30
CA LEU A 35 20.02 14.54 -4.84
C LEU A 35 20.28 15.53 -3.69
N ALA A 36 21.51 15.60 -3.19
CA ALA A 36 21.77 16.36 -1.96
C ALA A 36 21.55 17.86 -2.09
N ASP A 37 21.85 18.41 -3.27
CA ASP A 37 21.63 19.84 -3.46
C ASP A 37 20.13 20.15 -3.50
N ILE A 38 19.35 19.34 -4.21
CA ILE A 38 17.92 19.48 -4.24
C ILE A 38 17.32 19.41 -2.85
N LEU A 39 17.68 18.38 -2.07
CA LEU A 39 17.12 18.25 -0.71
C LEU A 39 17.50 19.41 0.19
N SER A 40 18.71 19.91 0.07
CA SER A 40 19.11 21.06 0.85
CA SER A 40 19.15 21.06 0.85
C SER A 40 18.22 22.25 0.61
N VAL A 41 17.94 22.55 -0.66
CA VAL A 41 17.03 23.65 -0.95
C VAL A 41 15.59 23.34 -0.52
N LEU A 42 15.15 22.12 -0.79
CA LEU A 42 13.80 21.71 -0.41
C LEU A 42 13.57 21.85 1.09
N SER A 43 14.61 21.65 1.91
CA SER A 43 14.46 21.81 3.36
C SER A 43 13.93 23.19 3.78
N TYR A 44 14.17 24.22 2.97
CA TYR A 44 13.68 25.57 3.25
C TYR A 44 12.23 25.76 2.88
N HIS A 45 11.70 24.87 2.04
CA HIS A 45 10.32 24.96 1.60
C HIS A 45 9.37 24.03 2.36
N LEU A 46 9.88 22.90 2.82
CA LEU A 46 9.06 21.87 3.43
C LEU A 46 8.50 22.37 4.75
N LYS A 47 7.19 22.22 4.92
CA LYS A 47 6.50 22.58 6.13
CA LYS A 47 6.51 22.57 6.15
C LYS A 47 6.21 21.29 6.90
N HIS A 48 6.78 21.15 8.07
CA HIS A 48 6.72 19.91 8.84
C HIS A 48 7.15 20.16 10.27
N ASN A 49 6.65 19.32 11.18
CA ASN A 49 7.03 19.38 12.58
C ASN A 49 7.79 18.09 12.98
N PRO A 50 9.14 18.16 13.03
CA PRO A 50 9.91 16.98 13.40
C PRO A 50 9.48 16.34 14.73
N LYS A 51 8.92 17.12 15.65
CA LYS A 51 8.52 16.58 16.95
C LYS A 51 7.06 16.09 16.93
N ASN A 52 6.35 16.29 15.81
CA ASN A 52 5.01 15.69 15.61
C ASN A 52 4.84 15.30 14.15
N PRO A 53 5.34 14.12 13.81
CA PRO A 53 5.23 13.62 12.45
C PRO A 53 3.80 13.27 12.03
N THR A 54 2.82 13.35 12.92
CA THR A 54 1.43 13.11 12.60
C THR A 54 0.61 14.39 12.36
N TRP A 55 1.23 15.56 12.38
CA TRP A 55 0.52 16.81 12.15
C TRP A 55 -0.21 16.70 10.81
N LEU A 56 -1.53 16.83 10.85
CA LEU A 56 -2.35 16.48 9.68
C LEU A 56 -2.06 17.33 8.45
N ASN A 57 -1.70 18.59 8.65
CA ASN A 57 -1.50 19.53 7.54
C ASN A 57 -0.03 19.71 7.17
N ARG A 58 0.82 18.81 7.61
CA ARG A 58 2.21 18.81 7.16
C ARG A 58 2.33 18.57 5.66
N ASP A 59 3.35 19.12 5.03
CA ASP A 59 3.72 18.63 3.70
C ASP A 59 4.11 17.16 3.80
N ARG A 60 3.77 16.38 2.78
CA ARG A 60 4.10 14.95 2.73
C ARG A 60 5.28 14.80 1.74
N LEU A 61 6.40 14.24 2.21
CA LEU A 61 7.58 13.98 1.42
C LEU A 61 7.66 12.49 1.16
N VAL A 62 7.78 12.09 -0.09
CA VAL A 62 7.91 10.69 -0.48
C VAL A 62 9.17 10.46 -1.33
N PHE A 63 10.05 9.58 -0.89
CA PHE A 63 11.19 9.09 -1.69
C PHE A 63 10.71 7.87 -2.46
N SER A 64 10.33 7.98 -3.71
CA SER A 64 9.89 6.80 -4.44
C SER A 64 11.01 5.79 -4.66
N GLY A 65 12.21 6.31 -4.87
CA GLY A 65 13.39 5.48 -4.94
C GLY A 65 13.83 5.21 -3.51
N GLY A 66 13.27 4.18 -2.89
CA GLY A 66 13.57 3.88 -1.48
C GLY A 66 15.01 3.50 -1.29
N HIS A 67 15.68 3.11 -2.36
CA HIS A 67 17.12 2.86 -2.32
C HIS A 67 17.91 4.05 -1.80
N ALA A 68 17.40 5.27 -1.94
CA ALA A 68 18.06 6.47 -1.45
C ALA A 68 17.79 6.75 0.04
N SER A 69 17.43 5.71 0.77
CA SER A 69 17.15 5.77 2.20
C SER A 69 18.21 6.49 3.02
N ALA A 70 19.51 6.33 2.70
CA ALA A 70 20.50 6.97 3.52
C ALA A 70 20.33 8.49 3.53
N LEU A 71 19.93 9.05 2.41
CA LEU A 71 19.72 10.50 2.33
C LEU A 71 18.51 10.92 3.16
N LEU A 72 17.41 10.15 3.05
CA LEU A 72 16.24 10.42 3.88
C LEU A 72 16.58 10.36 5.36
N TYR A 73 17.28 9.31 5.78
CA TYR A 73 17.62 9.17 7.20
C TYR A 73 18.55 10.31 7.66
N SER A 74 19.48 10.71 6.82
CA SER A 74 20.36 11.82 7.15
C SER A 74 19.53 13.09 7.41
N PHE A 75 18.59 13.37 6.50
CA PHE A 75 17.72 14.53 6.61
C PHE A 75 16.83 14.46 7.86
N LEU A 76 16.26 13.30 8.15
CA LEU A 76 15.40 13.18 9.36
C LEU A 76 16.22 13.44 10.62
N HIS A 77 17.42 12.86 10.69
CA HIS A 77 18.28 13.09 11.85
C HIS A 77 18.64 14.59 12.00
N LEU A 78 19.09 15.18 10.92
CA LEU A 78 19.51 16.59 10.94
C LEU A 78 18.37 17.53 11.29
N SER A 79 17.17 17.22 10.85
CA SER A 79 16.00 18.06 11.07
C SER A 79 15.39 17.93 12.43
N GLY A 80 15.83 16.95 13.26
CA GLY A 80 15.32 16.84 14.62
C GLY A 80 14.28 15.79 14.86
N TYR A 81 14.08 14.87 13.92
CA TYR A 81 13.20 13.74 14.14
C TYR A 81 13.85 12.78 15.13
N ASP A 82 13.08 11.80 15.57
CA ASP A 82 13.55 10.84 16.57
C ASP A 82 14.34 9.74 15.87
N LEU A 83 15.49 10.11 15.36
CA LEU A 83 16.43 9.21 14.68
C LEU A 83 17.78 9.75 15.03
N SER A 84 18.60 8.95 15.72
CA SER A 84 19.86 9.40 16.28
C SER A 84 21.05 9.17 15.37
N LEU A 85 22.18 9.76 15.73
CA LEU A 85 23.42 9.49 15.04
C LEU A 85 23.79 8.01 15.15
N GLU A 86 23.60 7.41 16.32
CA GLU A 86 23.84 5.98 16.46
C GLU A 86 22.97 5.17 15.49
N ASP A 87 21.70 5.57 15.34
CA ASP A 87 20.85 4.87 14.37
C ASP A 87 21.45 4.92 12.95
N LEU A 88 21.98 6.07 12.58
CA LEU A 88 22.64 6.18 11.27
C LEU A 88 23.83 5.22 11.15
N LYS A 89 24.56 5.05 12.24
CA LYS A 89 25.66 4.11 12.30
C LYS A 89 25.25 2.64 12.28
N ASN A 90 23.95 2.38 12.36
CA ASN A 90 23.36 1.04 12.32
CA ASN A 90 23.46 1.02 12.26
C ASN A 90 22.61 0.80 11.00
N PHE A 91 22.85 1.63 9.98
CA PHE A 91 22.21 1.47 8.70
C PHE A 91 22.35 0.04 8.19
N ARG A 92 21.23 -0.49 7.77
CA ARG A 92 21.15 -1.81 7.14
C ARG A 92 21.50 -2.99 8.05
N GLN A 93 21.53 -2.77 9.34
CA GLN A 93 21.85 -3.83 10.31
C GLN A 93 20.57 -4.38 10.96
N LEU A 94 20.61 -5.66 11.31
CA LEU A 94 19.44 -6.32 11.84
C LEU A 94 18.87 -5.57 13.02
N HIS A 95 17.56 -5.30 12.92
CA HIS A 95 16.73 -4.66 13.93
C HIS A 95 17.02 -3.20 14.17
N SER A 96 17.73 -2.55 13.28
CA SER A 96 17.96 -1.10 13.42
C SER A 96 16.75 -0.29 12.99
N LYS A 97 16.78 1.00 13.33
CA LYS A 97 15.79 1.99 12.91
CA LYS A 97 15.77 1.97 12.88
C LYS A 97 16.05 2.52 11.50
N THR A 98 17.13 2.02 10.85
CA THR A 98 17.57 2.49 9.54
C THR A 98 17.73 1.34 8.57
N PRO A 99 16.64 0.66 8.24
CA PRO A 99 16.68 -0.44 7.28
C PRO A 99 17.01 0.06 5.87
N GLY A 100 17.39 -0.89 5.01
CA GLY A 100 17.87 -0.55 3.65
C GLY A 100 16.91 0.19 2.78
N HIS A 101 15.62 -0.08 2.93
CA HIS A 101 14.57 0.71 2.32
C HIS A 101 13.65 1.22 3.42
N PRO A 102 13.03 2.39 3.26
CA PRO A 102 12.33 2.98 4.42
C PRO A 102 11.05 2.26 4.82
N GLU A 103 10.84 2.21 6.13
CA GLU A 103 9.71 1.50 6.77
C GLU A 103 9.01 2.50 7.68
N ILE A 104 7.68 2.42 7.79
CA ILE A 104 6.96 3.41 8.58
C ILE A 104 7.17 3.30 10.09
N SER A 105 7.77 2.20 10.55
CA SER A 105 8.17 2.13 11.95
C SER A 105 9.25 3.14 12.29
N THR A 106 9.97 3.66 11.31
CA THR A 106 10.87 4.79 11.52
C THR A 106 10.04 6.05 11.43
N LEU A 107 9.94 6.75 12.54
CA LEU A 107 9.18 8.01 12.59
C LEU A 107 9.69 9.04 11.61
N GLY A 108 8.75 9.64 10.88
CA GLY A 108 9.09 10.55 9.83
C GLY A 108 8.98 9.96 8.44
N VAL A 109 8.98 8.63 8.30
CA VAL A 109 8.84 7.98 7.01
C VAL A 109 7.34 7.94 6.66
N GLU A 110 6.96 8.56 5.56
CA GLU A 110 5.55 8.70 5.26
C GLU A 110 4.91 7.40 4.82
N ILE A 111 5.64 6.62 4.07
CA ILE A 111 5.11 5.39 3.46
C ILE A 111 6.30 4.54 3.11
N ALA A 112 6.16 3.23 3.21
CA ALA A 112 7.21 2.32 2.83
C ALA A 112 7.40 2.34 1.36
N THR A 113 8.64 2.46 0.90
CA THR A 113 8.93 2.44 -0.54
C THR A 113 10.13 1.56 -0.80
N GLY A 114 10.36 1.27 -2.05
CA GLY A 114 11.41 0.31 -2.40
C GLY A 114 11.12 -0.22 -3.79
N PRO A 115 10.05 -1.00 -3.94
CA PRO A 115 9.65 -1.47 -5.29
C PRO A 115 9.36 -0.25 -6.15
N LEU A 116 10.02 -0.14 -7.29
CA LEU A 116 10.01 1.07 -8.07
C LEU A 116 8.62 1.38 -8.62
N GLY A 117 8.37 2.67 -8.76
CA GLY A 117 7.10 3.18 -9.21
C GLY A 117 6.08 3.40 -8.11
N GLN A 118 6.11 2.56 -7.08
CA GLN A 118 5.08 2.61 -6.02
C GLN A 118 4.97 4.01 -5.44
N GLY A 119 6.11 4.60 -5.12
CA GLY A 119 6.13 5.85 -4.40
C GLY A 119 5.49 6.99 -5.19
N VAL A 120 5.66 7.00 -6.51
CA VAL A 120 5.03 8.00 -7.35
C VAL A 120 3.50 7.88 -7.23
N ALA A 121 2.97 6.65 -7.33
CA ALA A 121 1.54 6.43 -7.17
C ALA A 121 1.10 6.78 -5.75
N ASN A 122 1.91 6.44 -4.74
CA ASN A 122 1.56 6.80 -3.35
C ASN A 122 1.46 8.32 -3.23
N ALA A 123 2.39 9.04 -3.85
CA ALA A 123 2.36 10.48 -3.74
C ALA A 123 1.12 11.08 -4.41
N VAL A 124 0.75 10.54 -5.57
CA VAL A 124 -0.53 10.93 -6.19
C VAL A 124 -1.66 10.65 -5.22
N GLY A 125 -1.61 9.49 -4.53
CA GLY A 125 -2.63 9.19 -3.56
C GLY A 125 -2.69 10.17 -2.38
N PHE A 126 -1.53 10.56 -1.86
CA PHE A 126 -1.53 11.59 -0.80
C PHE A 126 -2.13 12.88 -1.30
N ALA A 127 -1.91 13.25 -2.56
CA ALA A 127 -2.43 14.47 -3.14
C ALA A 127 -3.97 14.36 -3.31
N MSE A 128 -4.46 13.20 -3.74
CA MSE A 128 -5.91 12.99 -3.82
C MSE A 128 -6.54 13.01 -2.44
O MSE A 128 -7.62 13.58 -2.22
CB MSE A 128 -6.21 11.67 -4.51
CG MSE A 128 -5.88 11.65 -5.99
SE MSE A 128 -6.34 10.08 -6.97
CE MSE A 128 -8.27 10.26 -6.92
N ALA A 129 -5.91 12.32 -1.50
CA ALA A 129 -6.36 12.27 -0.10
C ALA A 129 -6.43 13.67 0.47
N ALA A 130 -5.44 14.51 0.19
CA ALA A 130 -5.42 15.87 0.66
C ALA A 130 -6.57 16.68 0.03
N LYS A 131 -6.82 16.48 -1.27
CA LYS A 131 -7.98 17.14 -1.85
C LYS A 131 -9.29 16.73 -1.21
N LYS A 132 -9.45 15.44 -0.86
CA LYS A 132 -10.65 15.02 -0.17
C LYS A 132 -10.69 15.58 1.24
N ALA A 133 -9.56 15.62 1.92
CA ALA A 133 -9.50 16.21 3.26
C ALA A 133 -9.89 17.69 3.20
N GLN A 134 -9.47 18.40 2.16
CA GLN A 134 -9.82 19.81 1.95
CA GLN A 134 -9.84 19.81 1.98
C GLN A 134 -11.34 19.94 1.73
N ASN A 135 -11.91 19.01 0.96
CA ASN A 135 -13.37 18.97 0.78
C ASN A 135 -14.10 18.82 2.11
N LEU A 136 -13.61 17.95 2.99
CA LEU A 136 -14.27 17.68 4.26
C LEU A 136 -14.02 18.77 5.31
N LEU A 137 -12.79 19.25 5.40
CA LEU A 137 -12.35 20.13 6.51
C LEU A 137 -12.17 21.59 6.14
N GLY A 138 -12.17 21.90 4.84
CA GLY A 138 -11.97 23.24 4.34
C GLY A 138 -10.56 23.59 3.95
N SER A 139 -10.42 24.53 3.02
CA SER A 139 -9.09 25.02 2.62
C SER A 139 -8.37 25.81 3.70
N ASP A 140 -9.09 26.29 4.72
CA ASP A 140 -8.46 26.92 5.88
CA ASP A 140 -8.44 26.91 5.86
C ASP A 140 -7.62 25.90 6.66
N LEU A 141 -8.01 24.63 6.63
CA LEU A 141 -7.37 23.60 7.43
C LEU A 141 -6.46 22.67 6.63
N ILE A 142 -6.71 22.49 5.33
CA ILE A 142 -5.90 21.60 4.51
C ILE A 142 -5.39 22.35 3.31
N ASP A 143 -4.08 22.56 3.27
CA ASP A 143 -3.46 23.38 2.21
C ASP A 143 -2.02 23.02 1.85
N HIS A 144 -1.60 21.83 2.22
CA HIS A 144 -0.18 21.47 2.18
C HIS A 144 0.18 20.90 0.79
N LYS A 145 1.47 20.69 0.60
CA LYS A 145 2.00 20.08 -0.63
C LYS A 145 2.33 18.63 -0.42
N ILE A 146 2.56 17.95 -1.54
CA ILE A 146 3.07 16.58 -1.61
C ILE A 146 4.25 16.61 -2.54
N TYR A 147 5.43 16.35 -2.01
CA TYR A 147 6.69 16.32 -2.76
C TYR A 147 7.14 14.89 -2.92
N CYS A 148 7.43 14.50 -4.16
CA CYS A 148 7.92 13.15 -4.40
C CYS A 148 9.21 13.22 -5.17
N LEU A 149 10.24 12.54 -4.68
CA LEU A 149 11.49 12.39 -5.45
CA LEU A 149 11.50 12.38 -5.43
C LEU A 149 11.49 11.05 -6.13
N CYS A 150 11.74 11.05 -7.43
CA CYS A 150 11.73 9.81 -8.21
C CYS A 150 12.90 9.76 -9.17
N GLY A 151 13.11 8.60 -9.76
CA GLY A 151 14.15 8.37 -10.71
C GLY A 151 13.68 7.67 -11.96
N ASP A 152 14.64 7.34 -12.82
CA ASP A 152 14.30 6.62 -14.07
C ASP A 152 13.53 5.34 -13.88
N GLY A 153 13.90 4.51 -12.92
CA GLY A 153 13.19 3.29 -12.68
C GLY A 153 11.74 3.51 -12.38
N ASP A 154 11.45 4.55 -11.59
CA ASP A 154 10.08 4.83 -11.23
C ASP A 154 9.27 5.20 -12.46
N LEU A 155 9.83 6.03 -13.34
CA LEU A 155 9.11 6.55 -14.49
C LEU A 155 8.95 5.56 -15.64
N GLN A 156 9.74 4.49 -15.65
CA GLN A 156 9.54 3.43 -16.64
C GLN A 156 8.44 2.49 -16.25
N GLU A 157 8.18 2.36 -14.95
CA GLU A 157 7.15 1.44 -14.46
C GLU A 157 5.76 1.90 -14.88
N GLY A 158 4.94 0.98 -15.35
CA GLY A 158 3.56 1.31 -15.75
C GLY A 158 2.75 2.04 -14.68
N ILE A 159 2.97 1.68 -13.42
CA ILE A 159 2.19 2.29 -12.33
C ILE A 159 2.37 3.81 -12.29
N SER A 160 3.55 4.32 -12.68
CA SER A 160 3.77 5.75 -12.67
C SER A 160 2.88 6.46 -13.69
N TYR A 161 2.75 5.89 -14.89
CA TYR A 161 1.92 6.47 -15.92
C TYR A 161 0.45 6.46 -15.49
N GLU A 162 0.04 5.35 -14.86
CA GLU A 162 -1.35 5.23 -14.40
C GLU A 162 -1.66 6.28 -13.38
N ALA A 163 -0.80 6.42 -12.37
CA ALA A 163 -1.09 7.39 -11.32
C ALA A 163 -1.04 8.83 -11.80
N CYS A 164 -0.07 9.12 -12.64
CA CYS A 164 0.06 10.47 -13.15
C CYS A 164 -1.10 10.82 -14.08
N SER A 165 -1.68 9.84 -14.76
CA SER A 165 -2.89 10.03 -15.53
C SER A 165 -3.98 10.59 -14.62
N LEU A 166 -4.20 9.94 -13.48
CA LEU A 166 -5.18 10.41 -12.53
C LEU A 166 -4.83 11.79 -11.92
N ALA A 167 -3.52 12.06 -11.72
CA ALA A 167 -3.14 13.34 -11.15
C ALA A 167 -3.54 14.47 -12.07
N GLY A 168 -3.37 14.29 -13.38
CA GLY A 168 -3.74 15.35 -14.32
C GLY A 168 -5.24 15.51 -14.37
N LEU A 169 -5.98 14.41 -14.42
CA LEU A 169 -7.44 14.44 -14.44
C LEU A 169 -8.02 15.19 -13.26
N HIS A 170 -7.48 14.94 -12.07
CA HIS A 170 -7.99 15.55 -10.86
C HIS A 170 -7.34 16.87 -10.51
N LYS A 171 -6.53 17.39 -11.42
CA LYS A 171 -5.98 18.74 -11.30
C LYS A 171 -5.32 18.88 -9.94
N LEU A 172 -4.39 17.96 -9.68
CA LEU A 172 -3.72 17.92 -8.37
C LEU A 172 -2.59 18.95 -8.29
N ASP A 173 -3.00 20.20 -8.03
CA ASP A 173 -2.09 21.33 -7.96
C ASP A 173 -1.45 21.51 -6.59
N ASN A 174 -1.48 20.42 -5.84
CA ASN A 174 -0.74 20.24 -4.60
C ASN A 174 0.40 19.24 -4.73
N PHE A 175 0.61 18.72 -5.92
CA PHE A 175 1.57 17.63 -6.16
C PHE A 175 2.77 18.14 -6.97
N ILE A 176 3.95 17.92 -6.44
CA ILE A 176 5.21 18.32 -7.03
C ILE A 176 6.12 17.10 -7.11
N LEU A 177 6.39 16.64 -8.32
CA LEU A 177 7.19 15.48 -8.61
C LEU A 177 8.54 15.94 -9.11
N ILE A 178 9.60 15.54 -8.46
CA ILE A 178 10.96 15.91 -8.79
C ILE A 178 11.64 14.66 -9.33
N TYR A 179 11.97 14.68 -10.61
CA TYR A 179 12.61 13.57 -11.33
C TYR A 179 14.11 13.76 -11.43
N ASP A 180 14.84 12.84 -10.82
CA ASP A 180 16.29 12.84 -10.84
C ASP A 180 16.75 12.24 -12.16
N SER A 181 17.01 13.12 -13.10
CA SER A 181 17.43 12.71 -14.44
C SER A 181 18.95 12.67 -14.51
N ASN A 182 19.52 11.51 -14.21
CA ASN A 182 20.98 11.33 -14.14
C ASN A 182 21.59 10.46 -15.23
N ASN A 183 20.75 10.08 -16.20
CA ASN A 183 21.24 9.41 -17.42
CA ASN A 183 21.14 9.36 -17.41
C ASN A 183 21.68 7.96 -17.17
N ILE A 184 21.50 7.43 -15.96
CA ILE A 184 22.02 6.12 -15.57
CA ILE A 184 21.97 6.06 -15.69
C ILE A 184 20.89 5.20 -15.09
N SER A 185 21.00 3.92 -15.41
CA SER A 185 20.24 2.89 -14.71
C SER A 185 21.21 1.73 -14.41
N ILE A 186 20.68 0.61 -13.93
CA ILE A 186 21.55 -0.50 -13.55
C ILE A 186 22.34 -1.08 -14.72
N GLU A 187 21.71 -1.19 -15.87
CA GLU A 187 22.37 -1.75 -17.05
C GLU A 187 23.21 -0.74 -17.84
N GLY A 188 23.32 0.48 -17.30
CA GLY A 188 24.20 1.51 -17.87
C GLY A 188 23.39 2.72 -18.34
N ASP A 189 23.67 3.21 -19.53
CA ASP A 189 23.04 4.48 -19.92
CA ASP A 189 23.06 4.44 -20.03
C ASP A 189 21.55 4.27 -20.10
N VAL A 190 20.78 5.25 -19.65
CA VAL A 190 19.29 5.18 -19.72
C VAL A 190 18.83 4.99 -21.17
N GLY A 191 19.53 5.59 -22.12
CA GLY A 191 19.19 5.46 -23.53
C GLY A 191 19.21 4.05 -24.12
N LEU A 192 19.81 3.09 -23.41
CA LEU A 192 19.74 1.68 -23.82
CA LEU A 192 19.75 1.70 -23.82
C LEU A 192 18.30 1.20 -23.84
N ALA A 193 17.46 1.77 -22.98
CA ALA A 193 16.09 1.32 -22.80
C ALA A 193 15.02 2.37 -22.72
N PHE A 194 15.37 3.64 -22.93
CA PHE A 194 14.38 4.71 -22.75
C PHE A 194 14.78 5.96 -23.47
N ASN A 195 13.90 6.50 -24.30
CA ASN A 195 14.18 7.78 -24.97
C ASN A 195 12.90 8.62 -25.17
N GLU A 196 11.93 8.49 -24.30
CA GLU A 196 10.70 9.30 -24.35
C GLU A 196 11.02 10.78 -24.22
N ASN A 197 10.16 11.59 -24.84
CA ASN A 197 10.12 13.02 -24.56
C ASN A 197 9.30 13.16 -23.27
N VAL A 198 10.02 13.24 -22.14
CA VAL A 198 9.39 13.23 -20.84
C VAL A 198 8.50 14.47 -20.62
N LYS A 199 8.96 15.63 -21.09
CA LYS A 199 8.13 16.83 -21.00
C LYS A 199 6.80 16.64 -21.72
N MSE A 200 6.84 16.13 -22.95
CA MSE A 200 5.62 15.90 -23.69
C MSE A 200 4.70 14.86 -23.05
O MSE A 200 3.46 15.02 -23.04
CB MSE A 200 5.94 15.47 -25.12
CG MSE A 200 4.77 15.46 -26.06
SE MSE A 200 5.22 15.07 -27.88
CE MSE A 200 6.94 15.63 -28.01
N ARG A 201 5.29 13.78 -22.51
CA ARG A 201 4.53 12.76 -21.83
C ARG A 201 3.73 13.35 -20.70
N PHE A 202 4.39 14.16 -19.87
CA PHE A 202 3.70 14.71 -18.71
C PHE A 202 2.74 15.85 -19.05
N GLU A 203 3.08 16.64 -20.08
CA GLU A 203 2.11 17.61 -20.56
C GLU A 203 0.86 16.96 -21.12
N ALA A 204 1.01 15.76 -21.72
CA ALA A 204 -0.15 15.01 -22.24
C ALA A 204 -1.07 14.57 -21.11
N GLN A 205 -0.52 14.45 -19.90
CA GLN A 205 -1.25 14.06 -18.71
C GLN A 205 -1.55 15.23 -17.81
N GLY A 206 -1.51 16.46 -18.33
CA GLY A 206 -1.99 17.62 -17.60
C GLY A 206 -1.06 18.20 -16.57
N PHE A 207 0.23 17.97 -16.71
CA PHE A 207 1.22 18.56 -15.81
C PHE A 207 1.83 19.84 -16.40
N GLU A 208 2.28 20.72 -15.51
CA GLU A 208 3.26 21.75 -15.84
C GLU A 208 4.66 21.17 -15.66
N VAL A 209 5.55 21.40 -16.61
CA VAL A 209 6.87 20.79 -16.61
C VAL A 209 7.99 21.83 -16.59
N LEU A 210 8.85 21.76 -15.58
CA LEU A 210 10.01 22.64 -15.44
C LEU A 210 11.26 21.79 -15.61
N SER A 211 12.33 22.35 -16.17
CA SER A 211 13.57 21.65 -16.42
C SER A 211 14.72 22.46 -15.88
N ILE A 212 15.48 21.89 -14.95
CA ILE A 212 16.58 22.57 -14.23
C ILE A 212 17.86 21.74 -14.16
N ASN A 213 18.93 22.44 -13.80
CA ASN A 213 20.18 21.87 -13.32
C ASN A 213 19.99 21.62 -11.83
N GLY A 214 19.98 20.34 -11.48
CA GLY A 214 19.77 19.91 -10.09
C GLY A 214 20.94 20.13 -9.16
N HIS A 215 22.01 20.77 -9.64
CA HIS A 215 23.12 21.19 -8.78
C HIS A 215 23.26 22.70 -8.67
N ASP A 216 22.29 23.43 -9.18
CA ASP A 216 22.32 24.88 -9.10
CA ASP A 216 22.30 24.89 -9.14
C ASP A 216 21.28 25.35 -8.11
N TYR A 217 21.75 25.87 -6.98
CA TYR A 217 20.84 26.19 -5.90
C TYR A 217 19.78 27.21 -6.29
N GLU A 218 20.18 28.23 -7.04
CA GLU A 218 19.25 29.23 -7.50
C GLU A 218 18.20 28.63 -8.41
N GLU A 219 18.58 27.76 -9.33
CA GLU A 219 17.59 27.19 -10.25
C GLU A 219 16.61 26.27 -9.49
N ILE A 220 17.12 25.52 -8.51
CA ILE A 220 16.25 24.64 -7.72
C ILE A 220 15.23 25.47 -6.96
N ASN A 221 15.70 26.54 -6.30
CA ASN A 221 14.83 27.39 -5.52
C ASN A 221 13.76 28.04 -6.41
N LYS A 222 14.16 28.55 -7.56
CA LYS A 222 13.22 29.20 -8.47
C LYS A 222 12.19 28.18 -8.97
N ALA A 223 12.62 26.96 -9.28
CA ALA A 223 11.70 25.93 -9.75
C ALA A 223 10.68 25.55 -8.68
N LEU A 224 11.13 25.46 -7.45
CA LEU A 224 10.24 25.13 -6.35
C LEU A 224 9.24 26.24 -6.12
N GLU A 225 9.67 27.51 -6.20
CA GLU A 225 8.73 28.62 -6.04
CA GLU A 225 8.75 28.63 -6.07
C GLU A 225 7.68 28.58 -7.16
N GLN A 226 8.11 28.35 -8.39
CA GLN A 226 7.17 28.25 -9.51
C GLN A 226 6.23 27.05 -9.35
N ALA A 227 6.78 25.91 -8.99
CA ALA A 227 5.96 24.70 -8.81
C ALA A 227 4.88 24.90 -7.75
N LYS A 228 5.21 25.60 -6.67
CA LYS A 228 4.26 25.83 -5.58
C LYS A 228 3.06 26.69 -5.98
N LYS A 229 3.21 27.46 -7.04
CA LYS A 229 2.14 28.33 -7.57
C LYS A 229 1.41 27.74 -8.75
N SER A 230 1.78 26.52 -9.15
CA SER A 230 1.22 25.91 -10.35
C SER A 230 -0.29 25.67 -10.17
N THR A 231 -1.03 25.79 -11.26
CA THR A 231 -2.44 25.35 -11.25
C THR A 231 -2.60 23.89 -11.74
N LYS A 232 -1.48 23.19 -11.95
CA LYS A 232 -1.44 21.82 -12.41
C LYS A 232 -0.54 21.03 -11.48
N PRO A 233 -0.68 19.70 -11.48
CA PRO A 233 0.43 18.90 -10.93
C PRO A 233 1.70 19.32 -11.67
N CYS A 234 2.83 19.34 -10.97
CA CYS A 234 4.06 19.86 -11.54
C CYS A 234 5.19 18.88 -11.49
N LEU A 235 5.87 18.71 -12.61
CA LEU A 235 7.05 17.91 -12.74
C LEU A 235 8.25 18.83 -12.87
N ILE A 236 9.25 18.63 -12.03
CA ILE A 236 10.55 19.24 -12.18
C ILE A 236 11.52 18.18 -12.67
N ILE A 237 12.01 18.34 -13.88
CA ILE A 237 13.03 17.45 -14.43
C ILE A 237 14.37 18.03 -14.04
N ALA A 238 15.02 17.37 -13.07
CA ALA A 238 16.26 17.92 -12.52
C ALA A 238 17.44 17.12 -13.05
N LYS A 239 18.24 17.73 -13.91
CA LYS A 239 19.41 17.04 -14.45
C LYS A 239 20.49 16.98 -13.38
N THR A 240 20.95 15.79 -13.02
CA THR A 240 21.94 15.61 -11.97
C THR A 240 23.01 14.66 -12.45
N THR A 241 24.12 14.70 -11.71
CA THR A 241 25.24 13.79 -11.89
C THR A 241 25.15 12.77 -10.75
N ILE A 242 25.01 11.50 -11.09
CA ILE A 242 25.01 10.49 -10.04
C ILE A 242 26.38 10.54 -9.34
N ALA A 243 26.36 10.40 -8.02
CA ALA A 243 27.58 10.47 -7.22
C ALA A 243 28.29 11.84 -7.35
N LYS A 244 27.50 12.87 -7.59
CA LYS A 244 28.04 14.23 -7.61
C LYS A 244 28.89 14.51 -6.38
N GLY A 245 30.13 14.93 -6.60
CA GLY A 245 31.07 15.21 -5.53
C GLY A 245 32.07 14.09 -5.30
N ALA A 246 31.85 12.94 -5.93
CA ALA A 246 32.69 11.75 -5.68
C ALA A 246 33.68 11.45 -6.78
N GLY A 247 34.19 12.51 -7.40
CA GLY A 247 35.39 12.43 -8.23
C GLY A 247 35.26 11.38 -9.32
N GLU A 248 36.07 10.33 -9.23
CA GLU A 248 36.12 9.32 -10.31
C GLU A 248 34.84 8.49 -10.46
N LEU A 249 33.99 8.54 -9.45
CA LEU A 249 32.69 7.85 -9.52
C LEU A 249 31.56 8.72 -10.02
N GLU A 250 31.81 10.01 -10.27
CA GLU A 250 30.77 10.86 -10.84
C GLU A 250 30.30 10.28 -12.15
N GLY A 251 28.98 10.16 -12.30
CA GLY A 251 28.40 9.69 -13.54
C GLY A 251 28.48 8.19 -13.71
N SER A 252 29.03 7.47 -12.73
CA SER A 252 29.22 6.02 -12.90
C SER A 252 28.02 5.22 -12.41
N HIS A 253 27.52 4.32 -13.24
CA HIS A 253 26.41 3.46 -12.84
C HIS A 253 26.81 2.60 -11.65
N LYS A 254 28.10 2.34 -11.47
CA LYS A 254 28.60 1.57 -10.32
C LYS A 254 28.37 2.23 -8.98
N SER A 255 28.18 3.55 -8.98
CA SER A 255 27.89 4.24 -7.74
C SER A 255 26.45 4.08 -7.29
N HIS A 256 25.60 3.47 -8.12
CA HIS A 256 24.18 3.36 -7.75
C HIS A 256 24.01 2.48 -6.53
N GLY A 257 24.62 1.32 -6.52
CA GLY A 257 24.26 0.27 -5.59
C GLY A 257 25.39 -0.39 -4.84
N ALA A 258 26.55 0.26 -4.73
CA ALA A 258 27.64 -0.27 -3.94
C ALA A 258 28.33 0.89 -3.25
N PRO A 259 29.00 0.61 -2.14
CA PRO A 259 29.78 1.64 -1.43
C PRO A 259 30.77 2.36 -2.35
N LEU A 260 30.96 3.65 -2.08
CA LEU A 260 31.89 4.46 -2.88
C LEU A 260 33.33 4.03 -2.71
N GLY A 261 33.67 3.50 -1.53
CA GLY A 261 35.07 3.16 -1.18
C GLY A 261 35.70 4.23 -0.31
N GLU A 262 36.58 3.79 0.59
CA GLU A 262 37.21 4.67 1.57
C GLU A 262 38.03 5.80 0.93
N GLU A 263 38.79 5.45 -0.10
CA GLU A 263 39.66 6.45 -0.75
C GLU A 263 38.84 7.49 -1.53
N VAL A 264 37.76 7.05 -2.17
CA VAL A 264 36.88 7.96 -2.91
C VAL A 264 36.26 8.95 -1.94
N ILE A 265 35.82 8.44 -0.79
CA ILE A 265 35.20 9.32 0.21
C ILE A 265 36.21 10.32 0.78
N LYS A 266 37.44 9.87 1.04
CA LYS A 266 38.48 10.79 1.53
C LYS A 266 38.71 11.94 0.57
N LYS A 267 38.85 11.59 -0.69
CA LYS A 267 39.05 12.59 -1.74
C LYS A 267 37.86 13.54 -1.86
N ALA A 268 36.64 13.00 -1.80
CA ALA A 268 35.43 13.82 -1.88
C ALA A 268 35.35 14.80 -0.74
N LYS A 269 35.67 14.36 0.47
CA LYS A 269 35.68 15.24 1.65
C LYS A 269 36.73 16.33 1.47
N GLU A 270 37.92 15.94 1.06
CA GLU A 270 38.99 16.93 0.79
C GLU A 270 38.54 18.03 -0.19
N GLN A 271 37.94 17.62 -1.30
CA GLN A 271 37.49 18.58 -2.30
C GLN A 271 36.40 19.53 -1.77
N ALA A 272 35.59 19.05 -0.82
CA ALA A 272 34.52 19.82 -0.18
C ALA A 272 34.92 20.61 1.07
N GLY A 273 36.18 20.52 1.47
CA GLY A 273 36.63 21.21 2.66
C GLY A 273 36.31 20.52 3.98
N PHE A 274 35.94 19.24 3.91
CA PHE A 274 35.66 18.43 5.09
C PHE A 274 36.92 17.66 5.47
N ASP A 275 37.09 17.37 6.75
CA ASP A 275 38.23 16.57 7.21
C ASP A 275 38.03 15.13 6.72
N PRO A 276 38.94 14.63 5.89
CA PRO A 276 38.78 13.27 5.36
C PRO A 276 38.95 12.16 6.41
N ASN A 277 39.46 12.47 7.59
CA ASN A 277 39.77 11.40 8.54
C ASN A 277 38.74 11.30 9.65
N ILE A 278 37.61 11.99 9.47
CA ILE A 278 36.49 11.80 10.38
C ILE A 278 35.23 11.44 9.62
N SER A 279 34.39 10.67 10.29
CA SER A 279 33.16 10.21 9.70
CA SER A 279 33.16 10.21 9.70
C SER A 279 31.97 10.65 10.54
N PHE A 280 30.80 10.66 9.93
CA PHE A 280 29.56 11.09 10.59
C PHE A 280 29.67 12.47 11.22
N HIS A 281 30.26 13.40 10.47
CA HIS A 281 30.52 14.75 10.93
C HIS A 281 29.40 15.69 10.50
N ILE A 282 28.93 16.51 11.43
CA ILE A 282 27.95 17.54 11.15
C ILE A 282 28.54 18.89 11.55
N PRO A 283 28.93 19.72 10.57
CA PRO A 283 29.47 21.04 10.92
C PRO A 283 28.46 21.91 11.64
N GLN A 284 28.94 22.81 12.47
CA GLN A 284 28.05 23.71 13.25
C GLN A 284 27.01 24.49 12.47
N ALA A 285 27.39 25.20 11.42
CA ALA A 285 26.43 26.06 10.71
C ALA A 285 25.29 25.22 10.17
N SER A 286 25.63 24.07 9.59
CA SER A 286 24.65 23.16 9.03
C SER A 286 23.81 22.55 10.14
N LYS A 287 24.43 22.17 11.25
CA LYS A 287 23.71 21.58 12.39
C LYS A 287 22.58 22.52 12.85
N ILE A 288 22.94 23.78 13.06
CA ILE A 288 21.98 24.77 13.56
C ILE A 288 20.91 25.03 12.52
N ARG A 289 21.30 25.19 11.28
CA ARG A 289 20.34 25.51 10.23
C ARG A 289 19.34 24.38 10.00
N PHE A 290 19.81 23.14 9.86
CA PHE A 290 18.89 22.01 9.72
C PHE A 290 18.01 21.85 10.96
N GLU A 291 18.54 22.00 12.18
CA GLU A 291 17.75 21.72 13.37
CA GLU A 291 17.78 21.76 13.40
C GLU A 291 16.72 22.85 13.65
N SER A 292 16.85 24.01 13.01
CA SER A 292 15.87 25.06 13.18
C SER A 292 14.49 24.62 12.67
N ALA A 293 14.42 23.55 11.88
CA ALA A 293 13.12 22.93 11.54
C ALA A 293 12.26 22.63 12.76
N VAL A 294 12.89 22.34 13.89
CA VAL A 294 12.16 22.06 15.13
C VAL A 294 11.34 23.27 15.58
N GLU A 295 12.00 24.43 15.74
CA GLU A 295 11.29 25.61 16.19
C GLU A 295 10.28 26.06 15.14
N LEU A 296 10.67 26.01 13.87
CA LEU A 296 9.80 26.47 12.81
C LEU A 296 8.56 25.60 12.73
N GLY A 297 8.75 24.30 12.86
CA GLY A 297 7.66 23.37 12.78
C GLY A 297 6.70 23.43 13.94
N ASP A 298 7.22 23.65 15.13
CA ASP A 298 6.36 23.87 16.26
C ASP A 298 5.47 25.09 16.06
N LEU A 299 6.04 26.18 15.55
CA LEU A 299 5.25 27.39 15.30
C LEU A 299 4.21 27.16 14.18
N GLU A 300 4.58 26.46 13.11
CA GLU A 300 3.61 26.19 12.05
C GLU A 300 2.46 25.36 12.56
N GLU A 301 2.75 24.32 13.34
CA GLU A 301 1.66 23.52 13.85
C GLU A 301 0.79 24.28 14.86
N ALA A 302 1.41 25.15 15.66
CA ALA A 302 0.67 25.96 16.62
C ALA A 302 -0.33 26.86 15.93
N LYS A 303 0.10 27.50 14.85
CA LYS A 303 -0.77 28.38 14.03
C LYS A 303 -1.90 27.57 13.45
N TRP A 304 -1.61 26.35 13.02
CA TRP A 304 -2.63 25.49 12.44
C TRP A 304 -3.66 25.06 13.49
N LYS A 305 -3.20 24.70 14.67
CA LYS A 305 -4.09 24.33 15.75
C LYS A 305 -5.03 25.50 16.11
N ASP A 306 -4.55 26.73 16.00
CA ASP A 306 -5.43 27.89 16.25
C ASP A 306 -6.51 28.00 15.19
N LYS A 307 -6.18 27.69 13.93
CA LYS A 307 -7.21 27.65 12.88
C LYS A 307 -8.22 26.56 13.14
N LEU A 308 -7.74 25.40 13.59
CA LEU A 308 -8.67 24.31 13.91
C LEU A 308 -9.64 24.71 15.00
N GLU A 309 -9.14 25.40 16.03
CA GLU A 309 -9.97 25.79 17.14
C GLU A 309 -11.06 26.77 16.71
N LYS A 310 -10.74 27.67 15.76
CA LYS A 310 -11.74 28.61 15.20
C LYS A 310 -12.71 27.99 14.22
N SER A 311 -12.40 26.79 13.71
CA SER A 311 -13.17 26.13 12.64
CA SER A 311 -13.20 26.23 12.63
C SER A 311 -14.50 25.64 13.18
N ALA A 312 -15.39 25.30 12.25
CA ALA A 312 -16.62 24.60 12.54
C ALA A 312 -16.45 23.10 12.30
N LYS A 313 -15.21 22.66 12.12
CA LYS A 313 -14.91 21.28 11.74
C LYS A 313 -14.34 20.44 12.87
N LYS A 314 -14.28 20.95 14.08
CA LYS A 314 -13.62 20.25 15.20
C LYS A 314 -14.22 18.89 15.51
N GLU A 315 -15.54 18.82 15.60
CA GLU A 315 -16.20 17.57 15.93
C GLU A 315 -16.04 16.58 14.79
N LEU A 316 -16.14 17.06 13.55
CA LEU A 316 -15.94 16.18 12.41
C LEU A 316 -14.52 15.57 12.44
N LEU A 317 -13.51 16.39 12.65
CA LEU A 317 -12.15 15.87 12.68
C LEU A 317 -12.03 14.83 13.79
N GLU A 318 -12.61 15.09 14.96
CA GLU A 318 -12.56 14.11 16.03
C GLU A 318 -13.23 12.78 15.68
N ARG A 319 -14.36 12.84 14.97
CA ARG A 319 -14.99 11.59 14.51
C ARG A 319 -14.11 10.86 13.52
N LEU A 320 -13.45 11.58 12.62
CA LEU A 320 -12.60 10.95 11.64
C LEU A 320 -11.40 10.28 12.28
N LEU A 321 -10.89 10.89 13.35
CA LEU A 321 -9.71 10.37 14.04
C LEU A 321 -10.07 9.23 14.99
N ASN A 322 -11.35 9.14 15.38
CA ASN A 322 -11.82 8.19 16.40
C ASN A 322 -13.08 7.47 15.94
N PRO A 323 -12.99 6.72 14.84
CA PRO A 323 -14.17 6.05 14.34
C PRO A 323 -14.70 5.02 15.33
N ASP A 324 -16.03 4.92 15.39
CA ASP A 324 -16.69 4.01 16.30
C ASP A 324 -17.26 2.86 15.51
N PHE A 325 -16.54 1.74 15.49
CA PHE A 325 -16.96 0.60 14.69
C PHE A 325 -18.03 -0.22 15.39
N ASN A 326 -18.12 -0.06 16.71
CA ASN A 326 -19.06 -0.86 17.53
C ASN A 326 -20.49 -0.47 17.31
N LYS A 327 -20.73 0.79 16.99
CA LYS A 327 -22.10 1.30 16.89
C LYS A 327 -22.82 0.85 15.62
N ILE A 328 -22.13 0.31 14.65
CA ILE A 328 -22.65 0.13 13.30
C ILE A 328 -23.65 -1.02 13.28
N ALA A 329 -24.86 -0.76 12.80
CA ALA A 329 -25.86 -1.82 12.62
C ALA A 329 -25.76 -2.29 11.18
N TYR A 330 -25.23 -3.48 11.03
CA TYR A 330 -25.05 -4.08 9.69
C TYR A 330 -26.34 -4.68 9.23
N PRO A 331 -26.48 -4.95 7.92
CA PRO A 331 -27.70 -5.67 7.47
C PRO A 331 -27.78 -7.06 8.07
N ASP A 332 -29.02 -7.51 8.23
CA ASP A 332 -29.34 -8.82 8.74
C ASP A 332 -29.63 -9.71 7.53
N PHE A 333 -28.67 -10.55 7.19
CA PHE A 333 -28.78 -11.43 6.04
C PHE A 333 -29.16 -12.85 6.41
N LYS A 334 -29.51 -13.08 7.66
CA LYS A 334 -29.90 -14.41 8.08
C LYS A 334 -30.99 -15.02 7.20
N GLY A 335 -30.71 -16.19 6.64
CA GLY A 335 -31.67 -16.92 5.85
C GLY A 335 -31.85 -16.43 4.41
N LYS A 336 -31.08 -15.42 4.01
CA LYS A 336 -31.26 -14.81 2.70
C LYS A 336 -30.21 -15.36 1.76
N ASP A 337 -30.63 -16.05 0.71
CA ASP A 337 -29.75 -16.51 -0.35
C ASP A 337 -29.30 -15.30 -1.18
N LEU A 338 -28.00 -15.17 -1.42
CA LEU A 338 -27.46 -14.01 -2.15
C LEU A 338 -26.07 -14.35 -2.67
N ALA A 339 -25.66 -13.65 -3.71
CA ALA A 339 -24.27 -13.64 -4.08
C ALA A 339 -23.51 -12.78 -3.05
N THR A 340 -22.31 -13.19 -2.64
CA THR A 340 -21.63 -12.39 -1.61
C THR A 340 -21.09 -11.08 -2.20
N ARG A 341 -21.00 -10.89 -3.52
CA ARG A 341 -20.73 -9.54 -4.02
C ARG A 341 -21.86 -8.58 -3.60
N ASP A 342 -23.10 -9.07 -3.58
CA ASP A 342 -24.27 -8.27 -3.26
C ASP A 342 -24.41 -8.01 -1.77
N SER A 343 -24.23 -9.01 -0.90
CA SER A 343 -24.16 -8.73 0.52
C SER A 343 -23.06 -7.74 0.80
N ASN A 344 -21.90 -7.92 0.16
CA ASN A 344 -20.78 -7.02 0.43
C ASN A 344 -21.09 -5.61 0.01
N GLY A 345 -21.73 -5.41 -1.13
CA GLY A 345 -22.05 -4.08 -1.57
C GLY A 345 -22.99 -3.38 -0.59
N GLU A 346 -23.95 -4.12 -0.05
CA GLU A 346 -24.81 -3.53 0.97
C GLU A 346 -24.05 -3.14 2.23
N ILE A 347 -23.07 -3.94 2.61
CA ILE A 347 -22.23 -3.62 3.76
C ILE A 347 -21.41 -2.36 3.48
N LEU A 348 -20.83 -2.27 2.28
CA LEU A 348 -20.03 -1.08 1.92
C LEU A 348 -20.85 0.17 2.06
N ASN A 349 -22.12 0.09 1.65
CA ASN A 349 -23.02 1.23 1.81
C ASN A 349 -23.33 1.59 3.27
N VAL A 350 -23.53 0.60 4.14
CA VAL A 350 -23.72 0.86 5.55
C VAL A 350 -22.47 1.49 6.16
N LEU A 351 -21.30 0.99 5.78
CA LEU A 351 -20.05 1.53 6.30
C LEU A 351 -19.85 2.97 5.88
N ALA A 352 -20.12 3.26 4.61
CA ALA A 352 -19.95 4.63 4.11
C ALA A 352 -20.94 5.56 4.79
N LYS A 353 -22.14 5.11 5.13
CA LYS A 353 -23.12 5.94 5.82
C LYS A 353 -22.71 6.23 7.23
N ASN A 354 -22.06 5.29 7.90
CA ASN A 354 -21.71 5.39 9.32
C ASN A 354 -20.34 6.01 9.57
N LEU A 355 -19.47 6.03 8.57
CA LEU A 355 -18.08 6.42 8.76
C LEU A 355 -17.75 7.51 7.75
N GLU A 356 -17.57 8.73 8.22
CA GLU A 356 -17.32 9.84 7.32
C GLU A 356 -16.03 9.72 6.52
N GLY A 357 -15.06 8.94 7.02
CA GLY A 357 -13.82 8.74 6.31
C GLY A 357 -13.73 7.47 5.48
N PHE A 358 -14.80 6.67 5.42
CA PHE A 358 -14.83 5.44 4.62
C PHE A 358 -15.19 5.76 3.18
N LEU A 359 -14.35 5.37 2.23
CA LEU A 359 -14.57 5.68 0.83
C LEU A 359 -13.72 4.73 0.00
N GLY A 360 -13.90 4.78 -1.31
CA GLY A 360 -13.11 3.91 -2.17
C GLY A 360 -13.72 3.80 -3.52
N GLY A 361 -13.34 2.75 -4.23
CA GLY A 361 -13.87 2.56 -5.55
C GLY A 361 -13.32 1.34 -6.22
N SER A 362 -13.62 1.25 -7.50
CA SER A 362 -13.26 0.11 -8.34
C SER A 362 -12.44 0.57 -9.52
N ALA A 363 -11.68 -0.37 -10.08
CA ALA A 363 -10.93 -0.14 -11.32
C ALA A 363 -11.82 -0.39 -12.53
N ASP A 364 -12.77 0.51 -12.73
CA ASP A 364 -13.74 0.48 -13.81
C ASP A 364 -14.65 -0.73 -13.79
N LEU A 365 -14.94 -1.30 -12.63
CA LEU A 365 -15.85 -2.46 -12.55
C LEU A 365 -16.93 -2.25 -11.51
N GLY A 366 -17.23 -1.00 -11.14
CA GLY A 366 -18.24 -0.76 -10.11
C GLY A 366 -19.53 -1.56 -10.27
N PRO A 367 -20.13 -1.57 -11.47
CA PRO A 367 -21.41 -2.25 -11.61
C PRO A 367 -21.31 -3.75 -11.37
N SER A 368 -20.18 -4.35 -11.70
CA SER A 368 -19.94 -5.79 -11.49
C SER A 368 -19.45 -6.12 -10.10
N ASN A 369 -18.63 -5.26 -9.50
CA ASN A 369 -18.12 -5.48 -8.14
C ASN A 369 -19.15 -5.09 -7.08
N LYS A 370 -20.21 -4.39 -7.47
CA LYS A 370 -21.27 -3.89 -6.59
C LYS A 370 -20.77 -2.93 -5.53
N THR A 371 -19.87 -2.03 -5.92
CA THR A 371 -19.23 -1.12 -4.99
C THR A 371 -19.80 0.30 -4.99
N GLU A 372 -20.78 0.61 -5.83
CA GLU A 372 -21.35 1.96 -5.79
C GLU A 372 -21.90 2.27 -4.41
N LEU A 373 -21.50 3.44 -3.90
CA LEU A 373 -21.97 3.97 -2.65
C LEU A 373 -23.11 4.90 -3.03
N HIS A 374 -24.33 4.39 -2.93
CA HIS A 374 -25.49 5.00 -3.53
C HIS A 374 -25.83 6.35 -2.94
N SER A 375 -25.99 7.33 -3.83
CA SER A 375 -26.32 8.71 -3.45
C SER A 375 -25.24 9.41 -2.62
N MSE A 376 -24.00 8.88 -2.63
CA MSE A 376 -22.91 9.47 -1.87
CA MSE A 376 -22.88 9.45 -1.88
C MSE A 376 -21.92 10.25 -2.75
O MSE A 376 -20.93 10.79 -2.24
CB MSE A 376 -22.24 8.43 -0.98
CB MSE A 376 -22.10 8.39 -1.12
CG MSE A 376 -23.28 7.63 -0.19
CG MSE A 376 -22.95 7.49 -0.27
SE MSE A 376 -22.64 6.87 1.49
SE MSE A 376 -24.10 8.52 0.90
CE MSE A 376 -22.36 8.56 2.35
CE MSE A 376 -23.63 10.32 0.32
N GLY A 377 -22.22 10.35 -4.04
CA GLY A 377 -21.52 11.25 -4.94
C GLY A 377 -20.15 10.75 -5.39
N ASP A 378 -19.59 11.47 -6.36
CA ASP A 378 -18.28 11.17 -6.94
C ASP A 378 -17.19 12.04 -6.34
N PHE A 379 -16.00 11.47 -6.21
CA PHE A 379 -14.83 12.23 -5.79
C PHE A 379 -14.65 13.44 -6.69
N VAL A 380 -14.28 14.61 -6.20
CA VAL A 380 -13.86 14.90 -4.82
C VAL A 380 -14.99 15.24 -3.87
N GLU A 381 -16.14 15.67 -4.38
CA GLU A 381 -17.23 16.11 -3.51
C GLU A 381 -17.87 14.99 -2.73
N GLY A 382 -17.89 13.82 -3.34
CA GLY A 382 -18.43 12.61 -2.73
C GLY A 382 -17.42 11.54 -2.43
N LYS A 383 -17.93 10.33 -2.29
CA LYS A 383 -17.15 9.20 -1.80
C LYS A 383 -16.71 8.19 -2.86
N ASN A 384 -17.39 8.11 -3.99
CA ASN A 384 -17.08 7.12 -5.00
C ASN A 384 -15.90 7.56 -5.85
N ILE A 385 -14.80 6.81 -5.85
CA ILE A 385 -13.65 7.06 -6.68
C ILE A 385 -13.67 6.20 -7.93
N HIS A 386 -13.49 6.81 -9.08
CA HIS A 386 -13.46 6.13 -10.37
C HIS A 386 -12.00 6.00 -10.76
N PHE A 387 -11.40 4.86 -10.44
CA PHE A 387 -9.97 4.67 -10.66
C PHE A 387 -9.59 4.45 -12.11
N GLY A 388 -10.56 4.12 -12.93
CA GLY A 388 -10.29 3.70 -14.28
C GLY A 388 -9.68 2.31 -14.30
N ILE A 389 -9.12 1.92 -15.45
CA ILE A 389 -8.60 0.56 -15.64
C ILE A 389 -7.13 0.59 -15.19
N ARG A 390 -6.97 0.74 -13.87
CA ARG A 390 -5.68 1.04 -13.26
C ARG A 390 -5.57 0.34 -11.92
N GLU A 391 -5.63 -0.96 -11.92
CA GLU A 391 -5.67 -1.70 -10.67
C GLU A 391 -4.48 -1.38 -9.78
N HIS A 392 -3.30 -1.36 -10.38
CA HIS A 392 -2.08 -1.23 -9.59
C HIS A 392 -2.00 0.14 -8.94
N ALA A 393 -2.16 1.20 -9.73
CA ALA A 393 -2.17 2.55 -9.17
C ALA A 393 -3.29 2.69 -8.15
N MSE A 394 -4.46 2.11 -8.40
CA MSE A 394 -5.53 2.19 -7.40
C MSE A 394 -5.07 1.73 -6.04
O MSE A 394 -5.27 2.40 -5.01
CB MSE A 394 -6.74 1.34 -7.84
CG MSE A 394 -7.78 1.15 -6.77
SE MSE A 394 -9.32 0.14 -7.36
CE MSE A 394 -8.44 -1.61 -7.57
N ALA A 395 -4.46 0.55 -6.00
CA ALA A 395 -4.03 0.03 -4.70
C ALA A 395 -2.93 0.90 -4.07
N ALA A 396 -1.96 1.38 -4.82
CA ALA A 396 -0.91 2.23 -4.30
C ALA A 396 -1.46 3.58 -3.83
N ILE A 397 -2.43 4.12 -4.56
CA ILE A 397 -3.11 5.37 -4.14
C ILE A 397 -3.85 5.15 -2.83
N ASN A 398 -4.57 4.04 -2.73
CA ASN A 398 -5.31 3.77 -1.50
C ASN A 398 -4.40 3.42 -0.34
N ASN A 399 -3.19 2.90 -0.59
CA ASN A 399 -2.21 2.76 0.49
C ASN A 399 -1.92 4.12 1.11
N ALA A 400 -1.82 5.15 0.27
CA ALA A 400 -1.61 6.49 0.75
C ALA A 400 -2.85 7.08 1.43
N PHE A 401 -4.05 6.84 0.91
CA PHE A 401 -5.25 7.24 1.63
C PHE A 401 -5.22 6.67 3.03
N ALA A 402 -4.84 5.41 3.18
CA ALA A 402 -4.79 4.77 4.49
C ALA A 402 -3.76 5.38 5.44
N ARG A 403 -2.70 5.95 4.88
CA ARG A 403 -1.66 6.61 5.66
C ARG A 403 -1.95 8.07 5.90
N TYR A 404 -2.92 8.68 5.22
CA TYR A 404 -3.07 10.13 5.29
C TYR A 404 -3.41 10.62 6.69
N GLY A 405 -4.35 9.97 7.35
CA GLY A 405 -4.65 10.21 8.76
C GLY A 405 -6.11 10.09 9.13
N ILE A 406 -7.01 10.21 8.16
CA ILE A 406 -8.45 10.30 8.43
C ILE A 406 -9.33 9.36 7.55
N PHE A 407 -8.73 8.50 6.74
CA PHE A 407 -9.48 7.72 5.77
C PHE A 407 -9.36 6.22 5.97
N LEU A 408 -10.44 5.54 5.59
CA LEU A 408 -10.59 4.08 5.60
C LEU A 408 -10.93 3.67 4.16
N PRO A 409 -9.94 3.35 3.34
CA PRO A 409 -10.19 3.15 1.92
C PRO A 409 -10.42 1.69 1.55
N PHE A 410 -11.17 1.51 0.45
CA PHE A 410 -11.27 0.19 -0.19
C PHE A 410 -10.97 0.28 -1.66
N SER A 411 -10.29 -0.78 -2.15
CA SER A 411 -9.93 -0.99 -3.57
C SER A 411 -10.68 -2.19 -4.07
N ALA A 412 -11.29 -2.11 -5.26
CA ALA A 412 -12.10 -3.20 -5.78
C ALA A 412 -11.75 -3.56 -7.19
N THR A 413 -11.74 -4.85 -7.47
CA THR A 413 -11.66 -5.38 -8.84
C THR A 413 -12.09 -6.85 -8.82
N PHE A 414 -12.08 -7.48 -9.97
CA PHE A 414 -12.26 -8.93 -9.98
C PHE A 414 -11.09 -9.61 -9.33
N PHE A 415 -11.33 -10.75 -8.69
CA PHE A 415 -10.25 -11.47 -8.02
C PHE A 415 -9.13 -11.85 -8.99
N ILE A 416 -9.43 -12.18 -10.24
CA ILE A 416 -8.35 -12.52 -11.14
C ILE A 416 -7.38 -11.34 -11.34
N PHE A 417 -7.87 -10.11 -11.28
CA PHE A 417 -7.07 -8.91 -11.47
C PHE A 417 -6.44 -8.40 -10.20
N SER A 418 -6.63 -9.12 -9.09
CA SER A 418 -5.80 -8.90 -7.91
C SER A 418 -4.33 -9.01 -8.29
N GLU A 419 -4.03 -9.82 -9.30
CA GLU A 419 -2.62 -10.02 -9.69
C GLU A 419 -2.01 -8.75 -10.25
N TYR A 420 -2.81 -7.86 -10.83
CA TYR A 420 -2.29 -6.59 -11.33
C TYR A 420 -1.91 -5.67 -10.19
N LEU A 421 -2.49 -5.82 -9.01
CA LEU A 421 -2.24 -4.92 -7.87
C LEU A 421 -1.46 -5.54 -6.72
N LYS A 422 -1.09 -6.83 -6.84
CA LYS A 422 -0.45 -7.57 -5.76
C LYS A 422 0.79 -6.86 -5.18
N PRO A 423 1.65 -6.23 -6.00
CA PRO A 423 2.85 -5.62 -5.37
C PRO A 423 2.48 -4.52 -4.39
N ALA A 424 1.43 -3.75 -4.67
CA ALA A 424 0.94 -2.71 -3.79
C ALA A 424 0.20 -3.28 -2.61
N ALA A 425 -0.57 -4.37 -2.80
CA ALA A 425 -1.16 -5.05 -1.66
C ALA A 425 -0.09 -5.49 -0.68
N ARG A 426 1.04 -5.94 -1.19
CA ARG A 426 2.12 -6.36 -0.34
C ARG A 426 2.64 -5.21 0.51
N ILE A 427 2.73 -4.00 -0.03
CA ILE A 427 3.12 -2.84 0.77
C ILE A 427 2.09 -2.57 1.87
N ALA A 428 0.81 -2.71 1.58
CA ALA A 428 -0.21 -2.58 2.63
C ALA A 428 0.07 -3.55 3.77
N ALA A 429 0.37 -4.80 3.42
CA ALA A 429 0.67 -5.83 4.40
C ALA A 429 1.92 -5.52 5.18
N LEU A 430 3.00 -5.12 4.50
CA LEU A 430 4.25 -4.75 5.16
C LEU A 430 4.03 -3.67 6.20
N MSE A 431 3.21 -2.68 5.87
CA MSE A 431 2.96 -1.54 6.77
C MSE A 431 1.88 -1.82 7.82
O MSE A 431 1.74 -1.07 8.77
CB MSE A 431 2.49 -0.33 5.98
CG MSE A 431 3.53 0.25 5.06
SE MSE A 431 3.05 2.02 4.41
CE MSE A 431 1.60 1.58 3.20
N LYS A 432 1.10 -2.87 7.64
CA LYS A 432 -0.04 -3.19 8.53
C LYS A 432 -1.07 -2.08 8.57
N ILE A 433 -1.35 -1.50 7.40
CA ILE A 433 -2.35 -0.45 7.29
C ILE A 433 -3.75 -0.99 7.11
N LYS A 434 -4.74 -0.17 7.46
CA LYS A 434 -6.14 -0.51 7.33
C LYS A 434 -6.65 -0.10 5.96
N HIS A 435 -6.54 -1.03 5.02
CA HIS A 435 -6.89 -0.85 3.61
C HIS A 435 -7.58 -2.15 3.23
N PHE A 436 -8.80 -2.04 2.71
CA PHE A 436 -9.64 -3.22 2.43
C PHE A 436 -9.70 -3.50 0.95
N PHE A 437 -9.53 -4.75 0.58
CA PHE A 437 -9.48 -5.18 -0.81
C PHE A 437 -10.71 -6.00 -1.11
N ILE A 438 -11.43 -5.62 -2.15
CA ILE A 438 -12.74 -6.21 -2.47
C ILE A 438 -12.54 -6.93 -3.80
N PHE A 439 -12.64 -8.26 -3.78
CA PHE A 439 -12.37 -9.08 -4.95
C PHE A 439 -13.59 -9.93 -5.27
N THR A 440 -14.33 -9.58 -6.30
CA THR A 440 -15.50 -10.33 -6.67
C THR A 440 -15.16 -11.30 -7.79
N HIS A 441 -16.10 -12.13 -8.18
CA HIS A 441 -15.93 -13.06 -9.30
C HIS A 441 -14.83 -14.04 -8.96
N ASP A 442 -15.03 -14.75 -7.85
CA ASP A 442 -13.92 -15.48 -7.20
C ASP A 442 -13.55 -16.84 -7.75
N SER A 443 -14.23 -17.36 -8.74
CA SER A 443 -13.99 -18.74 -9.12
C SER A 443 -14.45 -19.03 -10.54
N ILE A 444 -14.35 -20.29 -10.93
CA ILE A 444 -14.93 -20.81 -12.18
C ILE A 444 -16.42 -20.52 -12.28
N GLY A 445 -17.09 -20.15 -11.18
CA GLY A 445 -18.48 -19.71 -11.24
C GLY A 445 -18.69 -18.48 -12.09
N VAL A 446 -17.62 -17.77 -12.42
CA VAL A 446 -17.66 -16.72 -13.44
C VAL A 446 -18.32 -17.19 -14.74
N GLY A 447 -18.04 -18.42 -15.16
CA GLY A 447 -18.69 -19.02 -16.31
C GLY A 447 -18.10 -18.62 -17.64
N GLU A 448 -18.91 -17.99 -18.47
CA GLU A 448 -18.63 -17.88 -19.90
C GLU A 448 -17.37 -17.08 -20.25
N ASP A 449 -16.99 -16.11 -19.44
CA ASP A 449 -15.77 -15.37 -19.73
C ASP A 449 -14.55 -16.27 -19.83
N GLY A 450 -14.57 -17.44 -19.18
CA GLY A 450 -13.53 -18.41 -19.45
C GLY A 450 -12.28 -18.28 -18.59
N PRO A 451 -11.26 -19.06 -18.93
CA PRO A 451 -10.13 -19.28 -18.01
C PRO A 451 -9.26 -18.06 -17.71
N THR A 452 -9.17 -17.11 -18.64
CA THR A 452 -8.48 -15.85 -18.29
C THR A 452 -9.13 -15.07 -17.20
N HIS A 453 -10.42 -15.33 -16.94
CA HIS A 453 -11.22 -14.56 -15.98
C HIS A 453 -11.65 -15.43 -14.80
N GLN A 454 -11.12 -16.66 -14.66
CA GLN A 454 -11.50 -17.58 -13.60
C GLN A 454 -10.34 -17.76 -12.67
N PRO A 455 -10.41 -17.25 -11.45
CA PRO A 455 -9.34 -17.47 -10.49
C PRO A 455 -9.11 -18.94 -10.18
N ILE A 456 -7.85 -19.28 -9.96
CA ILE A 456 -7.44 -20.65 -9.55
C ILE A 456 -6.44 -20.57 -8.42
N GLU A 457 -5.38 -19.80 -8.61
CA GLU A 457 -4.23 -19.74 -7.71
C GLU A 457 -4.20 -18.52 -6.77
N GLN A 458 -5.16 -17.61 -6.92
CA GLN A 458 -5.09 -16.36 -6.18
C GLN A 458 -5.36 -16.51 -4.71
N LEU A 459 -6.24 -17.41 -4.31
CA LEU A 459 -6.48 -17.65 -2.89
C LEU A 459 -5.18 -18.08 -2.23
N SER A 460 -4.40 -18.94 -2.87
CA SER A 460 -3.11 -19.38 -2.32
C SER A 460 -2.16 -18.19 -2.12
N THR A 461 -2.09 -17.30 -3.11
CA THR A 461 -1.25 -16.11 -3.02
C THR A 461 -1.61 -15.26 -1.81
N PHE A 462 -2.88 -14.92 -1.66
CA PHE A 462 -3.28 -14.05 -0.58
C PHE A 462 -3.15 -14.73 0.80
N ARG A 463 -3.40 -16.01 0.88
CA ARG A 463 -3.18 -16.71 2.13
C ARG A 463 -1.71 -16.80 2.47
N ALA A 464 -0.82 -16.95 1.49
CA ALA A 464 0.61 -17.05 1.76
C ALA A 464 1.22 -15.71 2.13
N MSE A 465 0.69 -14.59 1.64
CA MSE A 465 1.19 -13.27 1.97
C MSE A 465 1.01 -12.97 3.47
O MSE A 465 -0.12 -12.99 3.98
CB MSE A 465 0.47 -12.23 1.13
CG MSE A 465 0.95 -10.80 1.44
SE MSE A 465 0.26 -9.43 0.24
CE MSE A 465 -1.52 -10.15 -0.18
N PRO A 466 2.10 -12.67 4.17
CA PRO A 466 1.94 -12.29 5.56
C PRO A 466 1.10 -11.05 5.79
N ASN A 467 0.61 -10.90 7.03
CA ASN A 467 -0.09 -9.69 7.46
C ASN A 467 -1.30 -9.33 6.61
N PHE A 468 -2.04 -10.35 6.20
CA PHE A 468 -3.29 -10.22 5.48
C PHE A 468 -4.26 -11.20 6.03
N LEU A 469 -5.50 -10.78 6.15
CA LEU A 469 -6.60 -11.73 6.35
C LEU A 469 -7.33 -11.92 5.03
N THR A 470 -7.63 -13.15 4.65
CA THR A 470 -8.28 -13.39 3.38
C THR A 470 -9.63 -14.02 3.73
N PHE A 471 -10.70 -13.24 3.67
CA PHE A 471 -12.04 -13.73 3.99
C PHE A 471 -12.76 -14.20 2.75
N ARG A 472 -13.35 -15.39 2.80
CA ARG A 472 -14.13 -15.93 1.68
C ARG A 472 -15.49 -16.37 2.25
N PRO A 473 -16.41 -15.43 2.46
CA PRO A 473 -17.64 -15.73 3.19
C PRO A 473 -18.58 -16.60 2.38
N ALA A 474 -19.27 -17.53 3.06
CA ALA A 474 -20.22 -18.40 2.41
C ALA A 474 -21.60 -17.77 2.33
N ASP A 475 -21.87 -16.72 3.06
CA ASP A 475 -23.21 -16.08 3.03
C ASP A 475 -23.07 -14.68 3.57
N GLY A 476 -24.17 -13.95 3.62
CA GLY A 476 -24.14 -12.59 4.09
C GLY A 476 -23.78 -12.42 5.53
N VAL A 477 -24.22 -13.35 6.36
CA VAL A 477 -23.93 -13.27 7.77
C VAL A 477 -22.41 -13.41 7.99
N GLU A 478 -21.78 -14.39 7.33
CA GLU A 478 -20.34 -14.49 7.41
C GLU A 478 -19.67 -13.21 6.88
N ASN A 479 -20.22 -12.62 5.85
CA ASN A 479 -19.66 -11.41 5.26
C ASN A 479 -19.64 -10.24 6.26
N VAL A 480 -20.73 -10.11 7.04
CA VAL A 480 -20.83 -9.10 8.09
C VAL A 480 -19.80 -9.40 9.19
N LYS A 481 -19.74 -10.65 9.68
CA LYS A 481 -18.82 -10.98 10.75
C LYS A 481 -17.36 -10.73 10.31
N ALA A 482 -17.08 -10.98 9.03
CA ALA A 482 -15.75 -10.75 8.49
C ALA A 482 -15.42 -9.25 8.56
N TRP A 483 -16.34 -8.38 8.17
CA TRP A 483 -16.11 -6.93 8.28
C TRP A 483 -15.88 -6.51 9.73
N GLN A 484 -16.66 -7.06 10.67
CA GLN A 484 -16.48 -6.68 12.07
C GLN A 484 -15.07 -7.01 12.53
N ILE A 485 -14.55 -8.17 12.12
CA ILE A 485 -13.16 -8.52 12.41
C ILE A 485 -12.19 -7.60 11.69
N ALA A 486 -12.41 -7.39 10.40
CA ALA A 486 -11.48 -6.60 9.61
C ALA A 486 -11.31 -5.17 10.15
N LEU A 487 -12.41 -4.54 10.59
CA LEU A 487 -12.30 -3.18 11.12
C LEU A 487 -11.53 -3.12 12.41
N ASN A 488 -11.56 -4.17 13.23
CA ASN A 488 -10.86 -4.23 14.51
C ASN A 488 -9.44 -4.76 14.39
N ALA A 489 -9.10 -5.36 13.25
CA ALA A 489 -7.82 -6.00 13.05
C ALA A 489 -6.69 -5.00 12.89
N ASP A 490 -5.47 -5.48 13.08
CA ASP A 490 -4.30 -4.62 12.96
C ASP A 490 -3.59 -4.76 11.63
N ILE A 491 -4.21 -5.43 10.67
CA ILE A 491 -3.61 -5.74 9.36
C ILE A 491 -4.69 -5.58 8.31
N PRO A 492 -4.34 -5.41 7.04
CA PRO A 492 -5.33 -5.34 5.99
C PRO A 492 -6.04 -6.64 5.72
N SER A 493 -7.20 -6.52 5.07
CA SER A 493 -8.03 -7.69 4.74
C SER A 493 -8.48 -7.65 3.29
N ALA A 494 -8.64 -8.84 2.71
CA ALA A 494 -9.26 -9.04 1.45
C ALA A 494 -10.58 -9.77 1.64
N PHE A 495 -11.57 -9.44 0.82
CA PHE A 495 -12.88 -10.07 0.77
C PHE A 495 -13.02 -10.72 -0.60
N VAL A 496 -13.15 -12.04 -0.59
CA VAL A 496 -13.22 -12.86 -1.79
C VAL A 496 -14.67 -13.32 -1.96
N LEU A 497 -15.31 -12.78 -3.00
CA LEU A 497 -16.75 -12.72 -3.09
C LEU A 497 -17.25 -13.35 -4.41
N SER A 498 -18.45 -13.96 -4.37
CA SER A 498 -18.99 -14.65 -5.51
C SER A 498 -19.77 -13.76 -6.45
N ARG A 499 -19.71 -14.11 -7.75
CA ARG A 499 -20.61 -13.54 -8.77
C ARG A 499 -22.01 -14.08 -8.56
N GLN A 500 -22.08 -15.41 -8.36
CA GLN A 500 -23.30 -16.18 -8.39
C GLN A 500 -23.96 -16.29 -7.00
N LYS A 501 -25.26 -16.55 -6.98
CA LYS A 501 -26.00 -16.69 -5.75
C LYS A 501 -25.52 -17.89 -4.94
N LEU A 502 -25.35 -17.68 -3.64
CA LEU A 502 -25.04 -18.72 -2.66
C LEU A 502 -26.18 -18.92 -1.67
N LYS A 503 -26.19 -20.07 -1.04
CA LYS A 503 -27.27 -20.43 -0.12
C LYS A 503 -26.94 -19.97 1.28
N ALA A 504 -27.91 -19.35 1.90
CA ALA A 504 -27.74 -18.95 3.29
C ALA A 504 -27.50 -20.17 4.18
N LEU A 505 -26.60 -20.03 5.16
CA LEU A 505 -26.28 -21.08 6.10
C LEU A 505 -27.18 -21.07 7.31
N ASN A 506 -27.21 -22.21 7.97
CA ASN A 506 -27.78 -22.28 9.29
C ASN A 506 -26.76 -21.74 10.31
N GLU A 507 -27.20 -21.55 11.54
CA GLU A 507 -26.35 -20.92 12.55
C GLU A 507 -25.19 -21.81 12.98
N PRO A 508 -24.07 -21.21 13.44
CA PRO A 508 -22.96 -22.03 13.93
C PRO A 508 -23.39 -22.97 15.06
N VAL A 509 -22.84 -24.19 15.06
CA VAL A 509 -22.95 -25.18 16.14
CA VAL A 509 -23.03 -25.07 16.21
C VAL A 509 -21.89 -24.99 17.22
N PHE A 510 -20.68 -24.67 16.81
CA PHE A 510 -19.57 -24.49 17.73
C PHE A 510 -18.55 -23.60 17.03
N GLY A 511 -18.06 -22.58 17.73
CA GLY A 511 -17.19 -21.59 17.16
C GLY A 511 -17.88 -20.60 16.26
N ASP A 512 -17.15 -19.65 15.68
CA ASP A 512 -17.77 -18.69 14.78
C ASP A 512 -16.70 -18.18 13.81
N VAL A 513 -17.07 -17.20 13.00
CA VAL A 513 -16.19 -16.63 12.00
C VAL A 513 -14.92 -16.08 12.64
N LYS A 514 -15.00 -15.54 13.85
CA LYS A 514 -13.84 -15.03 14.59
C LYS A 514 -12.73 -16.05 14.77
N ASN A 515 -13.07 -17.34 14.76
CA ASN A 515 -12.10 -18.44 14.87
C ASN A 515 -11.51 -18.87 13.55
N GLY A 516 -11.94 -18.24 12.44
CA GLY A 516 -11.47 -18.59 11.10
C GLY A 516 -12.19 -19.77 10.46
N ALA A 517 -12.35 -20.82 11.23
CA ALA A 517 -13.17 -21.96 10.84
C ALA A 517 -14.05 -22.30 12.01
N TYR A 518 -15.26 -22.84 11.74
CA TYR A 518 -16.17 -23.22 12.82
C TYR A 518 -17.06 -24.36 12.33
N LEU A 519 -17.75 -25.00 13.26
CA LEU A 519 -18.61 -26.13 12.90
C LEU A 519 -20.03 -25.67 12.53
N LEU A 520 -20.50 -26.11 11.36
CA LEU A 520 -21.91 -25.99 10.94
C LEU A 520 -22.70 -27.24 11.26
N LYS A 521 -22.00 -28.39 11.34
CA LYS A 521 -22.64 -29.68 11.61
C LYS A 521 -21.65 -30.47 12.39
N GLU A 522 -22.10 -31.09 13.48
CA GLU A 522 -21.23 -31.88 14.34
C GLU A 522 -21.92 -33.16 14.67
N SER A 523 -21.20 -34.26 14.48
CA SER A 523 -21.72 -35.59 14.77
C SER A 523 -20.77 -36.33 15.67
N LYS A 524 -21.35 -37.07 16.63
CA LYS A 524 -20.59 -37.92 17.51
C LYS A 524 -19.85 -38.98 16.68
N GLU A 525 -18.60 -39.21 17.03
CA GLU A 525 -17.75 -40.22 16.37
C GLU A 525 -17.76 -40.02 14.84
N ALA A 526 -17.59 -38.76 14.43
CA ALA A 526 -17.54 -38.45 13.02
C ALA A 526 -16.44 -39.22 12.35
N LYS A 527 -16.76 -39.81 11.21
CA LYS A 527 -15.85 -40.51 10.38
C LYS A 527 -15.18 -39.59 9.37
N PHE A 528 -15.89 -38.53 8.98
CA PHE A 528 -15.38 -37.58 7.99
C PHE A 528 -15.66 -36.18 8.47
N THR A 529 -14.77 -35.24 8.13
CA THR A 529 -15.03 -33.81 8.28
C THR A 529 -14.89 -33.19 6.93
N LEU A 530 -15.91 -32.47 6.46
CA LEU A 530 -15.86 -31.74 5.18
C LEU A 530 -15.64 -30.30 5.52
N LEU A 531 -14.56 -29.74 5.05
CA LEU A 531 -14.11 -28.38 5.32
C LEU A 531 -14.17 -27.59 4.02
N ALA A 532 -14.81 -26.42 4.02
CA ALA A 532 -14.90 -25.65 2.81
C ALA A 532 -14.99 -24.19 3.16
N SER A 533 -14.82 -23.36 2.15
CA SER A 533 -15.07 -21.94 2.27
C SER A 533 -16.03 -21.49 1.16
N GLY A 534 -16.61 -20.31 1.33
CA GLY A 534 -17.36 -19.64 0.31
C GLY A 534 -18.39 -20.51 -0.36
N SER A 535 -18.40 -20.45 -1.68
CA SER A 535 -19.37 -21.15 -2.50
C SER A 535 -19.37 -22.66 -2.37
N GLU A 536 -18.36 -23.26 -1.75
CA GLU A 536 -18.35 -24.73 -1.62
C GLU A 536 -18.94 -25.26 -0.33
N VAL A 537 -19.35 -24.38 0.58
CA VAL A 537 -19.87 -24.87 1.87
C VAL A 537 -21.18 -25.62 1.70
N TRP A 538 -22.06 -25.10 0.87
CA TRP A 538 -23.35 -25.75 0.67
C TRP A 538 -23.17 -27.14 0.06
N LEU A 539 -22.23 -27.27 -0.89
CA LEU A 539 -21.94 -28.59 -1.47
C LEU A 539 -21.55 -29.57 -0.37
N CYS A 540 -20.74 -29.11 0.57
CA CYS A 540 -20.34 -29.96 1.69
C CYS A 540 -21.49 -30.27 2.64
N LEU A 541 -22.38 -29.32 2.92
CA LEU A 541 -23.54 -29.62 3.74
C LEU A 541 -24.41 -30.71 3.06
N GLU A 542 -24.69 -30.54 1.77
CA GLU A 542 -25.49 -31.49 1.03
C GLU A 542 -24.81 -32.83 0.95
N SER A 543 -23.49 -32.84 0.78
CA SER A 543 -22.75 -34.09 0.71
C SER A 543 -22.73 -34.81 2.06
N ALA A 544 -22.60 -34.05 3.14
CA ALA A 544 -22.62 -34.62 4.48
C ALA A 544 -24.00 -35.25 4.77
N ASN A 545 -25.07 -34.61 4.31
CA ASN A 545 -26.43 -35.17 4.47
C ASN A 545 -26.55 -36.49 3.72
N GLU A 546 -26.01 -36.56 2.51
CA GLU A 546 -26.02 -37.81 1.77
C GLU A 546 -25.17 -38.89 2.46
N LEU A 547 -23.98 -38.53 2.93
CA LEU A 547 -23.10 -39.47 3.64
C LEU A 547 -23.80 -39.99 4.91
N GLU A 548 -24.49 -39.13 5.63
CA GLU A 548 -25.25 -39.53 6.82
C GLU A 548 -26.39 -40.51 6.45
N LYS A 549 -27.06 -40.24 5.33
CA LYS A 549 -28.14 -41.14 4.85
C LYS A 549 -27.53 -42.50 4.51
N GLN A 550 -26.29 -42.53 4.03
CA GLN A 550 -25.56 -43.77 3.75
C GLN A 550 -24.86 -44.40 4.97
N GLY A 551 -25.02 -43.82 6.15
CA GLY A 551 -24.46 -44.38 7.40
C GLY A 551 -23.09 -43.92 7.84
N PHE A 552 -22.66 -42.76 7.37
CA PHE A 552 -21.39 -42.17 7.80
C PHE A 552 -21.58 -40.85 8.55
N ALA A 553 -21.18 -40.82 9.81
CA ALA A 553 -21.26 -39.60 10.62
C ALA A 553 -20.26 -38.56 10.13
N CYS A 554 -20.72 -37.31 9.98
CA CYS A 554 -19.89 -36.24 9.44
C CYS A 554 -19.93 -34.95 10.23
N ASN A 555 -18.77 -34.30 10.33
CA ASN A 555 -18.69 -32.88 10.65
C ASN A 555 -18.66 -32.06 9.37
N VAL A 556 -19.17 -30.84 9.42
CA VAL A 556 -19.00 -29.87 8.34
C VAL A 556 -18.47 -28.59 8.97
N VAL A 557 -17.36 -28.14 8.43
CA VAL A 557 -16.67 -26.95 8.86
C VAL A 557 -16.70 -25.90 7.76
N SER A 558 -17.13 -24.70 8.13
CA SER A 558 -16.98 -23.53 7.29
C SER A 558 -15.72 -22.78 7.69
N MSE A 559 -14.88 -22.48 6.71
CA MSE A 559 -13.62 -21.79 6.95
C MSE A 559 -13.57 -20.48 6.16
O MSE A 559 -12.87 -20.37 5.14
CB MSE A 559 -12.44 -22.70 6.58
CG MSE A 559 -11.06 -22.14 6.99
SE MSE A 559 -9.56 -23.08 6.28
CE MSE A 559 -9.90 -22.63 4.43
N PRO A 560 -14.24 -19.45 6.66
CA PRO A 560 -14.18 -18.17 6.00
C PRO A 560 -12.80 -17.53 6.03
N CYS A 561 -11.92 -17.88 6.97
CA CYS A 561 -10.59 -17.27 6.99
C CYS A 561 -9.53 -18.25 7.48
N PHE A 562 -8.73 -18.75 6.55
CA PHE A 562 -7.61 -19.69 6.83
C PHE A 562 -6.63 -19.10 7.85
N GLU A 563 -6.25 -17.83 7.68
CA GLU A 563 -5.24 -17.23 8.55
C GLU A 563 -5.71 -17.17 10.01
N LEU A 564 -6.99 -16.89 10.23
CA LEU A 564 -7.49 -16.89 11.59
C LEU A 564 -7.55 -18.28 12.14
N PHE A 565 -7.88 -19.27 11.32
CA PHE A 565 -7.92 -20.65 11.79
C PHE A 565 -6.53 -21.11 12.26
N GLU A 566 -5.50 -20.69 11.56
CA GLU A 566 -4.11 -21.01 11.91
C GLU A 566 -3.75 -20.51 13.32
N LYS A 567 -4.44 -19.49 13.83
CA LYS A 567 -4.14 -18.92 15.15
C LYS A 567 -4.87 -19.62 16.28
N GLN A 568 -5.76 -20.56 16.00
CA GLN A 568 -6.58 -21.17 17.05
C GLN A 568 -5.79 -22.18 17.83
N ASP A 569 -6.21 -22.47 19.06
CA ASP A 569 -5.43 -23.45 19.82
C ASP A 569 -5.76 -24.87 19.41
N LYS A 570 -4.91 -25.80 19.84
CA LYS A 570 -5.02 -27.19 19.40
C LYS A 570 -6.36 -27.81 19.82
N ALA A 571 -6.81 -27.50 21.01
CA ALA A 571 -8.10 -28.00 21.47
C ALA A 571 -9.25 -27.62 20.53
N TYR A 572 -9.25 -26.36 20.06
CA TYR A 572 -10.28 -25.90 19.16
C TYR A 572 -10.19 -26.63 17.80
N GLN A 573 -8.98 -26.68 17.25
CA GLN A 573 -8.78 -27.32 15.94
C GLN A 573 -9.19 -28.80 16.02
N GLU A 574 -8.83 -29.45 17.11
CA GLU A 574 -9.11 -30.88 17.27
C GLU A 574 -10.60 -31.18 17.42
N ARG A 575 -11.36 -30.25 18.00
CA ARG A 575 -12.79 -30.43 18.04
C ARG A 575 -13.39 -30.38 16.64
N LEU A 576 -12.92 -29.44 15.81
CA LEU A 576 -13.44 -29.33 14.45
C LEU A 576 -13.07 -30.51 13.56
N LEU A 577 -11.81 -30.90 13.61
CA LEU A 577 -11.20 -31.75 12.59
C LEU A 577 -11.20 -33.20 13.03
N LYS A 578 -12.32 -33.85 12.77
CA LYS A 578 -12.53 -35.22 13.21
C LYS A 578 -12.45 -36.21 12.05
N GLY A 579 -11.91 -37.39 12.32
CA GLY A 579 -11.87 -38.45 11.31
C GLY A 579 -11.00 -38.08 10.14
N GLU A 580 -11.40 -38.51 8.95
CA GLU A 580 -10.67 -38.15 7.75
C GLU A 580 -11.22 -36.81 7.26
N VAL A 581 -10.34 -35.83 7.10
CA VAL A 581 -10.72 -34.44 6.80
C VAL A 581 -10.49 -34.18 5.33
N ILE A 582 -11.55 -33.75 4.65
CA ILE A 582 -11.53 -33.46 3.23
C ILE A 582 -11.82 -31.97 3.05
N GLY A 583 -10.85 -31.26 2.47
CA GLY A 583 -11.02 -29.85 2.12
C GLY A 583 -11.59 -29.70 0.73
N VAL A 584 -12.55 -28.80 0.55
CA VAL A 584 -13.25 -28.62 -0.70
C VAL A 584 -13.31 -27.14 -1.06
N GLU A 585 -12.66 -26.76 -2.17
CA GLU A 585 -12.63 -25.37 -2.61
C GLU A 585 -12.48 -25.34 -4.12
N ALA A 586 -13.12 -24.38 -4.75
CA ALA A 586 -12.99 -24.14 -6.20
C ALA A 586 -11.75 -23.29 -6.43
N ALA A 587 -10.60 -23.90 -6.19
CA ALA A 587 -9.28 -23.24 -6.21
C ALA A 587 -8.24 -24.32 -6.20
N HIS A 588 -7.02 -23.97 -6.55
CA HIS A 588 -5.87 -24.89 -6.40
C HIS A 588 -5.21 -24.44 -5.15
N SER A 589 -5.66 -25.01 -4.06
CA SER A 589 -5.31 -24.57 -2.69
C SER A 589 -4.69 -25.73 -1.86
N ASN A 590 -3.44 -26.04 -2.21
CA ASN A 590 -2.68 -27.05 -1.52
C ASN A 590 -2.38 -26.68 -0.09
N GLU A 591 -2.46 -25.40 0.28
CA GLU A 591 -2.33 -25.02 1.68
C GLU A 591 -3.35 -25.69 2.57
N LEU A 592 -4.48 -26.13 2.01
CA LEU A 592 -5.47 -26.86 2.79
C LEU A 592 -4.95 -28.14 3.39
N TYR A 593 -3.86 -28.70 2.85
CA TYR A 593 -3.28 -29.88 3.49
C TYR A 593 -2.71 -29.61 4.87
N LYS A 594 -2.55 -28.35 5.30
CA LYS A 594 -2.21 -28.05 6.68
C LYS A 594 -3.27 -28.64 7.62
N PHE A 595 -4.53 -28.65 7.20
CA PHE A 595 -5.64 -29.07 8.04
C PHE A 595 -6.36 -30.30 7.55
N CYS A 596 -6.15 -30.70 6.31
CA CYS A 596 -6.94 -31.74 5.64
C CYS A 596 -6.08 -32.91 5.23
N HIS A 597 -6.65 -34.12 5.27
CA HIS A 597 -6.01 -35.30 4.73
C HIS A 597 -6.07 -35.35 3.22
N LYS A 598 -7.19 -34.88 2.69
CA LYS A 598 -7.43 -34.89 1.26
C LYS A 598 -7.95 -33.52 0.85
N VAL A 599 -7.66 -33.09 -0.37
CA VAL A 599 -8.12 -31.83 -0.90
C VAL A 599 -8.77 -32.06 -2.25
N TYR A 600 -10.01 -31.58 -2.37
CA TYR A 600 -10.84 -31.67 -3.54
C TYR A 600 -10.98 -30.26 -4.11
N GLY A 601 -10.09 -29.98 -5.07
CA GLY A 601 -9.97 -28.63 -5.63
C GLY A 601 -9.92 -28.68 -7.13
N ILE A 602 -9.24 -27.68 -7.70
CA ILE A 602 -9.05 -27.58 -9.14
C ILE A 602 -7.54 -27.46 -9.40
N GLU A 603 -7.02 -28.26 -10.27
CA GLU A 603 -5.56 -28.30 -10.53
C GLU A 603 -5.20 -27.69 -11.86
N SER A 604 -6.17 -27.42 -12.71
CA SER A 604 -5.97 -26.87 -14.05
C SER A 604 -6.52 -25.46 -14.11
N PHE A 605 -6.38 -24.82 -15.26
CA PHE A 605 -7.16 -23.64 -15.57
C PHE A 605 -8.61 -24.02 -15.86
N GLY A 606 -9.48 -23.03 -15.89
CA GLY A 606 -10.90 -23.26 -16.09
C GLY A 606 -11.34 -23.44 -17.52
N GLU A 607 -12.62 -23.19 -17.77
CA GLU A 607 -13.25 -23.40 -19.07
C GLU A 607 -14.30 -22.33 -19.30
N SER A 608 -14.46 -21.90 -20.55
CA SER A 608 -15.56 -21.04 -20.93
C SER A 608 -16.84 -21.85 -21.10
N GLY A 609 -17.84 -21.57 -20.29
CA GLY A 609 -19.14 -22.24 -20.38
C GLY A 609 -20.07 -21.70 -19.32
N LYS A 610 -21.34 -22.10 -19.37
CA LYS A 610 -22.28 -21.72 -18.31
C LYS A 610 -21.79 -22.17 -16.96
N ASP A 611 -21.96 -21.35 -15.93
CA ASP A 611 -21.49 -21.66 -14.61
C ASP A 611 -21.83 -23.08 -14.15
N LYS A 612 -23.07 -23.48 -14.30
CA LYS A 612 -23.46 -24.82 -13.83
C LYS A 612 -22.71 -25.91 -14.60
N ASP A 613 -22.47 -25.71 -15.89
CA ASP A 613 -21.72 -26.67 -16.71
C ASP A 613 -20.24 -26.75 -16.27
N VAL A 614 -19.67 -25.59 -15.93
CA VAL A 614 -18.27 -25.52 -15.53
C VAL A 614 -18.11 -26.17 -14.15
N PHE A 615 -19.00 -25.88 -13.20
CA PHE A 615 -18.86 -26.52 -11.90
C PHE A 615 -18.97 -28.05 -12.03
N GLU A 616 -19.86 -28.54 -12.88
CA GLU A 616 -20.02 -29.99 -13.05
C GLU A 616 -18.75 -30.57 -13.66
N ARG A 617 -18.21 -29.90 -14.68
CA ARG A 617 -16.99 -30.33 -15.34
C ARG A 617 -15.85 -30.52 -14.33
N PHE A 618 -15.75 -29.62 -13.37
CA PHE A 618 -14.67 -29.65 -12.41
C PHE A 618 -14.99 -30.45 -11.14
N GLY A 619 -16.14 -31.14 -11.15
CA GLY A 619 -16.41 -32.11 -10.12
C GLY A 619 -17.20 -31.64 -8.93
N PHE A 620 -17.75 -30.45 -8.99
CA PHE A 620 -18.46 -29.86 -7.83
C PHE A 620 -19.92 -30.22 -7.86
N SER A 621 -20.17 -31.49 -7.54
CA SER A 621 -21.52 -32.03 -7.37
C SER A 621 -21.51 -32.95 -6.17
N VAL A 622 -22.69 -33.15 -5.59
CA VAL A 622 -22.79 -34.05 -4.45
C VAL A 622 -22.34 -35.46 -4.84
N SER A 623 -22.81 -35.98 -5.96
CA SER A 623 -22.49 -37.37 -6.31
CA SER A 623 -22.49 -37.35 -6.34
C SER A 623 -20.98 -37.55 -6.47
N LYS A 624 -20.32 -36.59 -7.12
CA LYS A 624 -18.88 -36.75 -7.36
C LYS A 624 -18.08 -36.60 -6.07
N LEU A 625 -18.48 -35.64 -5.22
CA LEU A 625 -17.76 -35.44 -3.99
C LEU A 625 -17.94 -36.63 -3.05
N VAL A 626 -19.16 -37.13 -2.94
CA VAL A 626 -19.39 -38.33 -2.13
C VAL A 626 -18.60 -39.53 -2.64
N ASN A 627 -18.56 -39.72 -3.94
CA ASN A 627 -17.74 -40.81 -4.51
C ASN A 627 -16.26 -40.66 -4.18
N PHE A 628 -15.74 -39.44 -4.22
CA PHE A 628 -14.38 -39.16 -3.83
C PHE A 628 -14.13 -39.49 -2.34
N ILE A 629 -15.04 -39.04 -1.48
CA ILE A 629 -14.89 -39.27 -0.03
C ILE A 629 -14.93 -40.76 0.30
N LEU A 630 -15.76 -41.51 -0.42
CA LEU A 630 -15.91 -42.97 -0.22
C LEU A 630 -14.90 -43.77 -1.03
N SER A 631 -13.92 -43.06 -1.58
CA SER A 631 -12.80 -43.63 -2.35
C SER A 631 -13.25 -44.71 -3.33
N LYS A 632 -14.30 -44.40 -4.09
CA LYS A 632 -14.87 -45.33 -5.06
C LYS A 632 -16.29 -44.91 -5.43
C1 GOL B . 16.75 24.79 6.65
O1 GOL B . 17.61 23.75 6.25
C2 GOL B . 15.53 24.28 7.42
O2 GOL B . 15.90 23.48 8.52
C3 GOL B . 14.68 25.45 7.93
O3 GOL B . 14.37 26.32 6.85
C1 GOL C . 19.18 17.02 16.06
O1 GOL C . 19.10 18.21 16.81
C2 GOL C . 20.61 16.79 15.58
O2 GOL C . 21.42 16.18 16.57
C3 GOL C . 21.22 18.14 15.32
O3 GOL C . 22.28 17.93 14.43
C ACT D . -17.03 22.24 16.14
O ACT D . -17.39 21.20 15.51
OXT ACT D . -16.27 23.04 15.51
CH3 ACT D . -17.39 22.48 17.59
#